data_1WKB
#
_entry.id   1WKB
#
_cell.length_a   186.196
_cell.length_b   186.196
_cell.length_c   91.428
_cell.angle_alpha   90.00
_cell.angle_beta   90.00
_cell.angle_gamma   120.00
#
_symmetry.space_group_name_H-M   'H 3'
#
loop_
_entity.id
_entity.type
_entity.pdbx_description
1 polymer 'Leucyl-tRNA synthetase'
2 non-polymer 'SULFATE ION'
3 water water
#
_entity_poly.entity_id   1
_entity_poly.type   'polypeptide(L)'
_entity_poly.pdbx_seq_one_letter_code
;MAELNFKAIEEKWQKRWLEAKIFEPNIRDKPKEKKFYITVAFPYLSGHLHVGHARTYTIPDVIARFKRMQGYNVLFPMAW
HITGSPIVGIAERIKNRDPKTIWIYRDVYKVPEEILWTFEDPINIVKYFMKAAKETFIRAGFSVDWSREFYTTSLFPPFS
KFIEWQFWKLKEKGYIVKGAHRVRWDPVVGTPLGDHDLMEGEDVPILDYIIIKFELRENGEVIYLPAATLRPETVYGVTN
MWVNPNATYVKAKVRRKDKEETWIVSKEAAYKLSFQDREIEVIEEFKGEKLIGKYVRNPVSGDEVIILPAEFVDPDNATG
VVMSVPAHAPFDHVALEDLKRETEILEKYDIDPRIVENITYISLIKLEGYGDFPAVEEVNKLGIKSQKDKEKLEQATKTI
YKAEYHKGIFKVPPYEGKPVQEVKEAIAKEMLEKGIAEIMYEFAEKNVISRFGNRAVIKIIHDQWFIDYGNPEWKEKARK
ALERMKILPETRRAQFEAIIDWLDKKACARKIGLGTPLPWDPEWVIESLSDSTIYMAYYTISRHINKLRQEGKLDPEKLT
PEFFDYIFLEEFSEDKEKELEKKTGIPAEIIHEMKEEFEYWYPLDWRCSGKDLIPNHLTFFIFNHVAIFREEHWPKGIAV
NGFGTLEGQKMSKSKGNVLNFIDAIEENGADVVRLYIMSLAEHDSDFDWRRKEVGKLRKQIERFYELISQFAEYEVKGNV
ELKDIDRWMLHRLNKAIKETTNALEEFRTRTAVQWAFYSIMNDLRWYLRRTEGRDDEAKRYVLRTLADVWVRLMAPFTPH
ICEELWEKLG
;
_entity_poly.pdbx_strand_id   A
#
# COMPACT_ATOMS: atom_id res chain seq x y z
N LEU A 4 -16.35 -4.88 -34.83
CA LEU A 4 -14.99 -5.47 -34.71
C LEU A 4 -13.95 -4.45 -34.18
N ASN A 5 -13.71 -3.38 -34.92
CA ASN A 5 -12.74 -2.40 -34.47
C ASN A 5 -13.38 -1.11 -33.99
N PHE A 6 -13.14 -0.80 -32.72
CA PHE A 6 -13.70 0.36 -32.07
C PHE A 6 -12.69 1.47 -31.80
N LYS A 7 -11.49 1.35 -32.35
CA LYS A 7 -10.47 2.36 -32.15
C LYS A 7 -10.95 3.73 -32.60
N ALA A 8 -11.62 3.77 -33.75
CA ALA A 8 -12.13 5.03 -34.31
C ALA A 8 -13.23 5.63 -33.46
N ILE A 9 -14.15 4.80 -32.99
CA ILE A 9 -15.23 5.29 -32.13
C ILE A 9 -14.63 5.85 -30.82
N GLU A 10 -13.66 5.15 -30.26
CA GLU A 10 -13.06 5.59 -29.01
C GLU A 10 -12.34 6.92 -29.20
N GLU A 11 -11.58 7.05 -30.28
CA GLU A 11 -10.90 8.31 -30.53
C GLU A 11 -11.92 9.41 -30.74
N LYS A 12 -12.94 9.16 -31.56
CA LYS A 12 -13.94 10.18 -31.77
C LYS A 12 -14.52 10.73 -30.45
N TRP A 13 -14.94 9.85 -29.55
CA TRP A 13 -15.53 10.32 -28.29
C TRP A 13 -14.59 10.92 -27.27
N GLN A 14 -13.35 10.42 -27.21
CA GLN A 14 -12.37 11.01 -26.31
C GLN A 14 -12.06 12.44 -26.82
N LYS A 15 -11.94 12.64 -28.14
CA LYS A 15 -11.66 14.01 -28.65
C LYS A 15 -12.80 14.93 -28.28
N ARG A 16 -14.05 14.46 -28.43
CA ARG A 16 -15.18 15.30 -28.03
C ARG A 16 -15.19 15.65 -26.53
N TRP A 17 -14.99 14.63 -25.67
CA TRP A 17 -14.96 14.84 -24.23
C TRP A 17 -13.88 15.84 -23.85
N LEU A 18 -12.69 15.69 -24.44
CA LEU A 18 -11.58 16.60 -24.14
C LEU A 18 -11.79 18.02 -24.73
N GLU A 19 -12.02 18.09 -26.04
CA GLU A 19 -12.17 19.38 -26.70
C GLU A 19 -13.34 20.21 -26.21
N ALA A 20 -14.42 19.56 -25.81
CA ALA A 20 -15.57 20.30 -25.30
C ALA A 20 -15.55 20.35 -23.77
N LYS A 21 -14.49 19.79 -23.16
CA LYS A 21 -14.35 19.80 -21.70
C LYS A 21 -15.64 19.34 -21.02
N ILE A 22 -16.20 18.28 -21.57
CA ILE A 22 -17.45 17.74 -21.09
C ILE A 22 -17.44 17.36 -19.61
N PHE A 23 -16.30 16.90 -19.10
CA PHE A 23 -16.24 16.46 -17.72
C PHE A 23 -15.65 17.46 -16.70
N GLU A 24 -15.69 18.75 -17.03
CA GLU A 24 -15.23 19.81 -16.11
C GLU A 24 -16.55 20.41 -15.66
N PRO A 25 -17.04 20.00 -14.49
CA PRO A 25 -18.32 20.55 -14.05
C PRO A 25 -18.28 22.00 -13.56
N ASN A 26 -19.45 22.63 -13.56
CA ASN A 26 -19.64 24.02 -13.11
C ASN A 26 -20.57 23.83 -11.93
N ILE A 27 -20.22 24.34 -10.75
CA ILE A 27 -21.09 24.16 -9.59
C ILE A 27 -22.47 24.83 -9.72
N ARG A 28 -22.58 25.85 -10.55
CA ARG A 28 -23.88 26.52 -10.72
C ARG A 28 -24.94 25.65 -11.42
N ASP A 29 -24.52 24.58 -12.11
CA ASP A 29 -25.50 23.76 -12.82
C ASP A 29 -26.55 23.09 -11.97
N LYS A 30 -26.22 22.76 -10.74
CA LYS A 30 -27.20 22.12 -9.88
C LYS A 30 -26.96 22.48 -8.45
N PRO A 31 -28.00 22.44 -7.61
CA PRO A 31 -27.84 22.77 -6.20
C PRO A 31 -27.00 21.70 -5.47
N LYS A 32 -26.35 22.11 -4.39
CA LYS A 32 -25.50 21.26 -3.58
C LYS A 32 -26.12 19.92 -3.24
N GLU A 33 -27.45 19.88 -3.14
CA GLU A 33 -28.13 18.64 -2.79
C GLU A 33 -27.94 17.56 -3.87
N LYS A 34 -27.54 17.98 -5.06
CA LYS A 34 -27.34 17.06 -6.17
C LYS A 34 -25.89 16.91 -6.60
N LYS A 35 -24.97 17.35 -5.74
CA LYS A 35 -23.54 17.26 -5.99
C LYS A 35 -23.06 15.84 -5.67
N PHE A 36 -22.10 15.34 -6.42
CA PHE A 36 -21.52 14.02 -6.13
C PHE A 36 -20.02 14.16 -6.41
N TYR A 37 -19.22 13.98 -5.35
CA TYR A 37 -17.76 14.13 -5.47
C TYR A 37 -17.08 12.79 -5.11
N ILE A 38 -16.29 12.26 -6.06
CA ILE A 38 -15.64 10.97 -5.84
C ILE A 38 -14.18 11.08 -6.26
N THR A 39 -13.27 10.47 -5.51
CA THR A 39 -11.85 10.49 -5.84
C THR A 39 -11.32 9.07 -5.61
N VAL A 40 -10.21 8.74 -6.23
CA VAL A 40 -9.62 7.42 -6.10
C VAL A 40 -8.12 7.67 -5.93
N ALA A 41 -7.49 6.93 -5.02
CA ALA A 41 -6.06 7.11 -4.71
C ALA A 41 -5.19 7.36 -5.94
N PHE A 42 -4.56 8.56 -6.02
CA PHE A 42 -3.75 8.87 -7.21
C PHE A 42 -2.53 7.96 -7.35
N PRO A 43 -2.12 7.66 -8.60
CA PRO A 43 -0.97 6.79 -8.79
C PRO A 43 0.38 7.44 -8.63
N TYR A 44 1.35 6.60 -8.26
CA TYR A 44 2.77 6.97 -8.07
C TYR A 44 3.44 6.74 -9.43
N LEU A 45 4.13 7.74 -9.96
CA LEU A 45 4.72 7.63 -11.31
C LEU A 45 6.08 6.99 -11.56
N SER A 46 6.27 5.77 -11.05
CA SER A 46 7.52 5.07 -11.25
C SER A 46 7.44 4.15 -12.47
N GLY A 47 6.25 3.98 -13.03
CA GLY A 47 6.10 3.11 -14.19
C GLY A 47 4.69 3.14 -14.74
N HIS A 48 4.40 2.19 -15.64
CA HIS A 48 3.07 2.08 -16.23
C HIS A 48 2.10 1.40 -15.28
N LEU A 49 0.83 1.81 -15.32
CA LEU A 49 -0.17 1.15 -14.48
C LEU A 49 -0.53 -0.20 -15.17
N HIS A 50 -0.84 -1.24 -14.39
CA HIS A 50 -1.21 -2.51 -14.98
C HIS A 50 -2.73 -2.78 -14.85
N VAL A 51 -3.20 -3.94 -15.31
CA VAL A 51 -4.63 -4.18 -15.30
C VAL A 51 -5.24 -4.29 -13.92
N GLY A 52 -4.41 -4.59 -12.91
CA GLY A 52 -4.91 -4.62 -11.55
C GLY A 52 -5.21 -3.17 -11.18
N HIS A 53 -4.31 -2.25 -11.53
CA HIS A 53 -4.59 -0.83 -11.26
C HIS A 53 -5.83 -0.38 -12.03
N ALA A 54 -5.98 -0.92 -13.22
CA ALA A 54 -7.10 -0.58 -14.11
C ALA A 54 -8.43 -0.76 -13.40
N ARG A 55 -8.53 -1.82 -12.60
CA ARG A 55 -9.78 -2.04 -11.88
C ARG A 55 -10.03 -0.91 -10.89
N THR A 56 -9.01 -0.63 -10.09
CA THR A 56 -9.10 0.42 -9.07
C THR A 56 -9.60 1.76 -9.63
N TYR A 57 -9.08 2.15 -10.79
CA TYR A 57 -9.46 3.42 -11.41
C TYR A 57 -10.77 3.38 -12.23
N THR A 58 -11.15 2.22 -12.75
CA THR A 58 -12.37 2.07 -13.55
C THR A 58 -13.64 2.10 -12.67
N ILE A 59 -13.57 1.50 -11.47
CA ILE A 59 -14.75 1.50 -10.59
C ILE A 59 -15.28 2.92 -10.33
N PRO A 60 -14.41 3.86 -9.89
CA PRO A 60 -14.98 5.19 -9.68
C PRO A 60 -15.52 5.83 -10.98
N ASP A 61 -14.94 5.50 -12.15
CA ASP A 61 -15.44 6.07 -13.40
C ASP A 61 -16.85 5.57 -13.68
N VAL A 62 -17.05 4.27 -13.51
CA VAL A 62 -18.35 3.65 -13.67
C VAL A 62 -19.37 4.34 -12.78
N ILE A 63 -19.01 4.53 -11.52
CA ILE A 63 -19.92 5.15 -10.56
C ILE A 63 -20.18 6.63 -10.94
N ALA A 64 -19.14 7.35 -11.29
CA ALA A 64 -19.30 8.73 -11.72
C ALA A 64 -20.27 8.85 -12.89
N ARG A 65 -20.14 7.95 -13.88
CA ARG A 65 -21.01 8.02 -15.05
C ARG A 65 -22.42 7.61 -14.69
N PHE A 66 -22.53 6.62 -13.82
CA PHE A 66 -23.83 6.19 -13.32
C PHE A 66 -24.50 7.41 -12.63
N LYS A 67 -23.74 8.14 -11.83
CA LYS A 67 -24.30 9.30 -11.13
C LYS A 67 -24.71 10.42 -12.06
N ARG A 68 -23.92 10.69 -13.10
CA ARG A 68 -24.33 11.73 -14.03
C ARG A 68 -25.66 11.34 -14.68
N MET A 69 -25.82 10.07 -15.02
CA MET A 69 -27.05 9.60 -15.64
C MET A 69 -28.24 9.74 -14.71
N GLN A 70 -27.99 9.63 -13.42
CA GLN A 70 -29.03 9.77 -12.43
C GLN A 70 -29.40 11.24 -12.20
N GLY A 71 -28.58 12.15 -12.70
CA GLY A 71 -28.91 13.55 -12.51
C GLY A 71 -28.03 14.34 -11.53
N TYR A 72 -26.94 13.75 -11.04
CA TYR A 72 -26.07 14.48 -10.12
C TYR A 72 -25.07 15.34 -10.88
N ASN A 73 -24.57 16.38 -10.22
CA ASN A 73 -23.54 17.23 -10.79
C ASN A 73 -22.30 16.52 -10.23
N VAL A 74 -21.49 15.96 -11.12
CA VAL A 74 -20.35 15.15 -10.71
C VAL A 74 -18.95 15.70 -10.87
N LEU A 75 -18.13 15.43 -9.87
CA LEU A 75 -16.72 15.81 -9.94
C LEU A 75 -15.90 14.56 -9.69
N PHE A 76 -15.06 14.22 -10.67
CA PHE A 76 -14.16 13.08 -10.60
C PHE A 76 -12.87 13.61 -11.21
N PRO A 77 -11.92 14.05 -10.36
CA PRO A 77 -10.62 14.60 -10.78
C PRO A 77 -9.50 13.56 -10.68
N MET A 78 -8.31 13.97 -11.11
CA MET A 78 -7.15 13.10 -11.05
C MET A 78 -5.89 13.92 -10.95
N ALA A 79 -4.89 13.40 -10.25
CA ALA A 79 -3.62 14.09 -10.10
C ALA A 79 -2.54 13.01 -9.90
N TRP A 80 -1.27 13.41 -9.77
CA TRP A 80 -0.18 12.47 -9.67
C TRP A 80 0.71 12.54 -8.43
N HIS A 81 1.03 11.37 -7.88
CA HIS A 81 1.88 11.28 -6.72
C HIS A 81 3.29 11.03 -7.17
N ILE A 82 4.23 11.87 -6.74
CA ILE A 82 5.63 11.66 -7.08
C ILE A 82 6.51 11.83 -5.83
N THR A 83 5.90 11.70 -4.66
CA THR A 83 6.62 11.85 -3.40
C THR A 83 7.36 10.59 -2.99
N GLY A 84 8.54 10.72 -2.42
CA GLY A 84 9.25 9.52 -1.96
C GLY A 84 10.60 9.23 -2.56
N SER A 85 11.20 8.12 -2.15
CA SER A 85 12.50 7.79 -2.69
C SER A 85 12.58 6.77 -3.84
N PRO A 86 11.50 5.98 -4.12
CA PRO A 86 11.65 5.01 -5.21
C PRO A 86 12.16 5.59 -6.55
N ILE A 87 11.50 6.61 -7.05
CA ILE A 87 11.89 7.21 -8.33
C ILE A 87 13.35 7.67 -8.28
N VAL A 88 13.76 8.22 -7.13
CA VAL A 88 15.15 8.67 -6.96
C VAL A 88 16.04 7.44 -7.02
N GLY A 89 15.63 6.36 -6.36
CA GLY A 89 16.42 5.15 -6.37
C GLY A 89 16.51 4.49 -7.74
N ILE A 90 15.38 4.48 -8.45
CA ILE A 90 15.32 3.88 -9.79
C ILE A 90 16.23 4.64 -10.76
N ALA A 91 16.21 5.97 -10.69
CA ALA A 91 17.06 6.78 -11.57
C ALA A 91 18.54 6.40 -11.41
N GLU A 92 18.98 6.28 -10.16
CA GLU A 92 20.36 5.95 -9.86
C GLU A 92 20.71 4.54 -10.34
N ARG A 93 19.79 3.61 -10.18
CA ARG A 93 20.06 2.25 -10.65
C ARG A 93 20.21 2.25 -12.17
N ILE A 94 19.43 3.05 -12.89
CA ILE A 94 19.63 2.97 -14.33
C ILE A 94 20.94 3.69 -14.68
N LYS A 95 21.28 4.73 -13.91
CA LYS A 95 22.55 5.41 -14.10
C LYS A 95 23.70 4.39 -14.00
N ASN A 96 23.63 3.50 -13.02
CA ASN A 96 24.66 2.49 -12.87
C ASN A 96 24.48 1.32 -13.80
N ARG A 97 23.44 1.40 -14.64
CA ARG A 97 23.17 0.32 -15.58
C ARG A 97 22.89 -1.01 -14.89
N ASP A 98 22.18 -0.96 -13.75
CA ASP A 98 21.80 -2.18 -13.04
C ASP A 98 20.99 -3.07 -14.01
N PRO A 99 21.45 -4.30 -14.27
CA PRO A 99 20.78 -5.24 -15.19
C PRO A 99 19.29 -5.46 -14.91
N LYS A 100 18.95 -5.77 -13.67
CA LYS A 100 17.55 -6.02 -13.36
C LYS A 100 16.66 -4.79 -13.63
N THR A 101 17.11 -3.60 -13.22
CA THR A 101 16.33 -2.41 -13.45
C THR A 101 16.18 -2.14 -14.94
N ILE A 102 17.30 -2.20 -15.67
CA ILE A 102 17.24 -1.97 -17.12
C ILE A 102 16.24 -2.91 -17.77
N TRP A 103 16.36 -4.19 -17.45
CA TRP A 103 15.47 -5.18 -18.04
C TRP A 103 13.99 -4.88 -17.73
N ILE A 104 13.68 -4.51 -16.49
CA ILE A 104 12.29 -4.19 -16.17
C ILE A 104 11.78 -3.03 -17.03
N TYR A 105 12.56 -1.96 -17.15
CA TYR A 105 12.11 -0.83 -17.92
C TYR A 105 12.08 -1.09 -19.43
N ARG A 106 12.94 -1.97 -19.93
CA ARG A 106 12.96 -2.31 -21.36
C ARG A 106 11.89 -3.34 -21.71
N ASP A 107 11.96 -4.50 -21.05
CA ASP A 107 11.07 -5.61 -21.34
C ASP A 107 9.63 -5.47 -20.80
N VAL A 108 9.47 -5.03 -19.56
CA VAL A 108 8.12 -4.91 -18.97
C VAL A 108 7.46 -3.59 -19.30
N TYR A 109 8.20 -2.49 -19.19
CA TYR A 109 7.62 -1.19 -19.48
C TYR A 109 7.87 -0.69 -20.90
N LYS A 110 8.63 -1.44 -21.70
CA LYS A 110 8.88 -1.05 -23.10
C LYS A 110 9.32 0.38 -23.31
N VAL A 111 10.25 0.84 -22.48
CA VAL A 111 10.78 2.20 -22.65
C VAL A 111 11.88 2.11 -23.74
N PRO A 112 11.82 2.98 -24.77
CA PRO A 112 12.85 2.95 -25.82
C PRO A 112 14.23 3.12 -25.21
N GLU A 113 15.17 2.35 -25.72
CA GLU A 113 16.54 2.35 -25.25
C GLU A 113 17.14 3.72 -24.97
N GLU A 114 17.17 4.59 -25.97
CA GLU A 114 17.75 5.91 -25.79
C GLU A 114 16.99 6.75 -24.77
N ILE A 115 15.67 6.62 -24.73
CA ILE A 115 14.92 7.38 -23.73
C ILE A 115 15.26 6.88 -22.32
N LEU A 116 15.40 5.57 -22.18
CA LEU A 116 15.72 4.98 -20.88
C LEU A 116 16.97 5.57 -20.21
N TRP A 117 18.02 5.86 -20.98
CA TRP A 117 19.22 6.39 -20.33
C TRP A 117 18.98 7.78 -19.76
N THR A 118 17.99 8.52 -20.30
CA THR A 118 17.71 9.84 -19.77
C THR A 118 17.04 9.73 -18.36
N PHE A 119 16.66 8.52 -17.98
CA PHE A 119 16.02 8.33 -16.65
C PHE A 119 17.02 8.43 -15.51
N GLU A 120 18.30 8.61 -15.81
CA GLU A 120 19.30 8.77 -14.75
C GLU A 120 18.92 10.02 -13.97
N ASP A 121 18.16 10.92 -14.60
CA ASP A 121 17.66 12.13 -13.93
C ASP A 121 16.22 11.76 -13.50
N PRO A 122 15.97 11.57 -12.19
CA PRO A 122 14.61 11.20 -11.78
C PRO A 122 13.47 12.01 -12.37
N ILE A 123 13.75 13.26 -12.71
CA ILE A 123 12.69 14.12 -13.28
C ILE A 123 12.21 13.57 -14.64
N ASN A 124 13.10 12.93 -15.39
CA ASN A 124 12.68 12.38 -16.68
C ASN A 124 11.75 11.16 -16.46
N ILE A 125 12.00 10.38 -15.41
CA ILE A 125 11.12 9.26 -15.08
C ILE A 125 9.71 9.83 -14.79
N VAL A 126 9.66 10.87 -13.98
CA VAL A 126 8.40 11.53 -13.65
C VAL A 126 7.67 12.02 -14.91
N LYS A 127 8.36 12.75 -15.78
CA LYS A 127 7.69 13.27 -16.98
C LYS A 127 7.19 12.18 -17.92
N TYR A 128 8.01 11.15 -18.13
CA TYR A 128 7.61 10.08 -19.03
C TYR A 128 6.35 9.34 -18.51
N PHE A 129 6.36 8.92 -17.26
CA PHE A 129 5.20 8.20 -16.75
C PHE A 129 3.98 9.07 -16.42
N MET A 130 4.18 10.37 -16.31
CA MET A 130 3.06 11.27 -16.10
C MET A 130 2.30 11.29 -17.42
N LYS A 131 3.03 11.48 -18.51
CA LYS A 131 2.44 11.48 -19.85
C LYS A 131 1.77 10.13 -20.10
N ALA A 132 2.47 9.04 -19.76
CA ALA A 132 1.90 7.69 -19.95
C ALA A 132 0.60 7.49 -19.15
N ALA A 133 0.59 7.93 -17.89
CA ALA A 133 -0.61 7.72 -17.07
C ALA A 133 -1.77 8.58 -17.57
N LYS A 134 -1.50 9.81 -17.95
CA LYS A 134 -2.56 10.66 -18.44
C LYS A 134 -3.18 10.11 -19.74
N GLU A 135 -2.35 9.72 -20.69
CA GLU A 135 -2.86 9.19 -21.94
C GLU A 135 -3.63 7.89 -21.72
N THR A 136 -3.11 7.06 -20.83
CA THR A 136 -3.78 5.81 -20.54
C THR A 136 -5.18 6.06 -19.95
N PHE A 137 -5.28 7.01 -19.02
CA PHE A 137 -6.56 7.34 -18.41
C PHE A 137 -7.51 7.97 -19.43
N ILE A 138 -6.96 8.78 -20.33
CA ILE A 138 -7.79 9.35 -21.38
C ILE A 138 -8.17 8.18 -22.33
N ARG A 139 -7.22 7.31 -22.70
CA ARG A 139 -7.59 6.17 -23.59
C ARG A 139 -8.59 5.23 -22.94
N ALA A 140 -8.69 5.24 -21.61
CA ALA A 140 -9.64 4.36 -20.94
C ALA A 140 -11.04 4.97 -20.89
N GLY A 141 -11.16 6.23 -21.33
CA GLY A 141 -12.45 6.89 -21.24
C GLY A 141 -12.79 7.37 -19.81
N PHE A 142 -11.81 7.54 -18.94
CA PHE A 142 -12.13 8.04 -17.57
C PHE A 142 -12.62 9.50 -17.70
N SER A 143 -13.77 9.78 -17.09
CA SER A 143 -14.46 11.08 -17.19
C SER A 143 -13.94 12.06 -16.15
N VAL A 144 -12.66 12.36 -16.30
CA VAL A 144 -11.91 13.20 -15.40
C VAL A 144 -11.93 14.67 -15.71
N ASP A 145 -12.06 15.47 -14.66
CA ASP A 145 -12.01 16.92 -14.82
C ASP A 145 -10.54 17.25 -14.88
N TRP A 146 -9.95 17.23 -16.08
CA TRP A 146 -8.54 17.52 -16.19
C TRP A 146 -8.11 18.94 -15.80
N SER A 147 -9.04 19.90 -15.73
CA SER A 147 -8.63 21.26 -15.33
C SER A 147 -8.05 21.30 -13.90
N ARG A 148 -8.30 20.25 -13.11
CA ARG A 148 -7.80 20.25 -11.74
C ARG A 148 -6.53 19.47 -11.53
N GLU A 149 -5.90 19.10 -12.62
CA GLU A 149 -4.68 18.29 -12.56
C GLU A 149 -3.53 18.94 -11.80
N PHE A 150 -2.77 18.12 -11.07
CA PHE A 150 -1.60 18.60 -10.33
C PHE A 150 -0.74 17.39 -9.95
N TYR A 151 0.43 17.65 -9.39
CA TYR A 151 1.28 16.59 -8.89
C TYR A 151 1.85 17.11 -7.57
N THR A 152 2.37 16.21 -6.76
CA THR A 152 2.90 16.55 -5.44
C THR A 152 4.34 17.02 -5.38
N THR A 153 4.81 17.20 -4.14
CA THR A 153 6.16 17.69 -3.79
C THR A 153 6.35 19.17 -4.08
N SER A 154 7.53 19.64 -3.68
CA SER A 154 7.94 21.02 -3.82
C SER A 154 8.07 21.37 -5.29
N LEU A 155 8.03 20.36 -6.15
CA LEU A 155 8.11 20.61 -7.58
C LEU A 155 6.81 21.24 -8.13
N PHE A 156 5.75 21.26 -7.31
CA PHE A 156 4.46 21.89 -7.67
C PHE A 156 4.13 22.82 -6.49
N PRO A 157 4.81 23.98 -6.42
CA PRO A 157 4.63 24.96 -5.35
C PRO A 157 3.28 25.17 -4.69
N PRO A 158 2.23 25.49 -5.47
CA PRO A 158 0.92 25.71 -4.84
C PRO A 158 0.41 24.55 -3.98
N PHE A 159 0.68 23.32 -4.42
CA PHE A 159 0.24 22.17 -3.65
C PHE A 159 1.15 22.01 -2.44
N SER A 160 2.43 22.28 -2.63
CA SER A 160 3.41 22.18 -1.56
C SER A 160 3.02 23.12 -0.41
N LYS A 161 2.54 24.32 -0.76
CA LYS A 161 2.11 25.31 0.23
C LYS A 161 0.90 24.78 0.99
N PHE A 162 0.02 24.09 0.27
CA PHE A 162 -1.18 23.50 0.88
C PHE A 162 -0.72 22.47 1.91
N ILE A 163 0.30 21.69 1.55
CA ILE A 163 0.83 20.67 2.47
C ILE A 163 1.46 21.35 3.72
N GLU A 164 2.21 22.43 3.53
CA GLU A 164 2.81 23.13 4.67
C GLU A 164 1.71 23.52 5.65
N TRP A 165 0.63 24.10 5.11
CA TRP A 165 -0.52 24.49 5.91
C TRP A 165 -1.02 23.28 6.69
N GLN A 166 -1.24 22.16 5.99
CA GLN A 166 -1.71 20.98 6.67
C GLN A 166 -0.81 20.62 7.85
N PHE A 167 0.50 20.65 7.63
CA PHE A 167 1.40 20.27 8.69
C PHE A 167 1.51 21.26 9.83
N TRP A 168 1.34 22.56 9.55
CA TRP A 168 1.34 23.55 10.62
C TRP A 168 0.10 23.24 11.48
N LYS A 169 -1.02 22.96 10.82
CA LYS A 169 -2.25 22.62 11.54
C LYS A 169 -2.03 21.43 12.45
N LEU A 170 -1.44 20.36 11.94
CA LEU A 170 -1.20 19.17 12.76
C LEU A 170 -0.30 19.51 13.95
N LYS A 171 0.70 20.36 13.72
CA LYS A 171 1.63 20.75 14.78
C LYS A 171 0.89 21.47 15.90
N GLU A 172 0.12 22.49 15.55
CA GLU A 172 -0.65 23.27 16.53
C GLU A 172 -1.57 22.42 17.38
N LYS A 173 -1.92 21.24 16.91
CA LYS A 173 -2.80 20.39 17.68
C LYS A 173 -2.01 19.40 18.52
N GLY A 174 -0.69 19.46 18.42
CA GLY A 174 0.14 18.53 19.17
C GLY A 174 0.15 17.12 18.60
N TYR A 175 -0.15 17.02 17.30
CA TYR A 175 -0.18 15.74 16.59
C TYR A 175 1.14 15.39 15.89
N ILE A 176 2.08 16.32 15.97
CA ILE A 176 3.42 16.12 15.41
C ILE A 176 4.39 15.94 16.57
N VAL A 177 5.11 14.82 16.58
CA VAL A 177 6.05 14.51 17.64
C VAL A 177 7.44 14.10 17.15
N LYS A 178 8.46 14.48 17.93
CA LYS A 178 9.83 14.15 17.61
C LYS A 178 10.22 13.02 18.54
N GLY A 179 10.98 12.06 18.04
CA GLY A 179 11.38 10.96 18.89
C GLY A 179 12.45 10.08 18.29
N ALA A 180 12.68 8.96 18.96
CA ALA A 180 13.67 7.98 18.56
C ALA A 180 13.15 7.05 17.47
N HIS A 181 14.05 6.62 16.60
CA HIS A 181 13.68 5.72 15.53
C HIS A 181 14.92 5.04 15.01
N ARG A 182 14.76 3.90 14.36
CA ARG A 182 15.91 3.21 13.80
C ARG A 182 15.75 3.28 12.27
N VAL A 183 16.80 3.75 11.59
CA VAL A 183 16.80 3.96 10.14
C VAL A 183 17.99 3.35 9.44
N ARG A 184 17.88 3.19 8.13
CA ARG A 184 18.95 2.63 7.32
C ARG A 184 20.02 3.70 7.23
N TRP A 185 21.29 3.29 7.35
CA TRP A 185 22.38 4.26 7.41
C TRP A 185 23.65 3.71 6.77
N ASP A 186 24.38 4.57 6.06
CA ASP A 186 25.66 4.17 5.43
C ASP A 186 26.71 4.55 6.48
N PRO A 187 27.43 3.57 7.04
CA PRO A 187 28.46 3.81 8.07
C PRO A 187 29.80 4.41 7.60
N VAL A 188 30.03 4.38 6.29
CA VAL A 188 31.24 4.93 5.70
C VAL A 188 31.04 6.42 5.48
N VAL A 189 29.95 6.76 4.80
CA VAL A 189 29.64 8.14 4.51
C VAL A 189 29.04 8.76 5.79
N GLY A 190 28.52 7.92 6.68
CA GLY A 190 27.89 8.38 7.90
C GLY A 190 26.68 9.24 7.54
N THR A 191 25.72 8.67 6.82
CA THR A 191 24.57 9.46 6.39
C THR A 191 23.28 8.59 6.25
N PRO A 192 22.10 9.17 6.53
CA PRO A 192 20.87 8.38 6.42
C PRO A 192 20.55 8.01 4.94
N LEU A 193 20.00 6.82 4.74
CA LEU A 193 19.66 6.34 3.41
C LEU A 193 18.16 6.43 3.09
N GLY A 194 17.84 6.40 1.80
CA GLY A 194 16.44 6.40 1.38
C GLY A 194 16.07 4.93 1.33
N ASP A 195 14.95 4.55 1.93
CA ASP A 195 14.52 3.14 1.94
C ASP A 195 14.40 2.53 0.56
N HIS A 196 14.10 3.34 -0.45
CA HIS A 196 14.03 2.76 -1.79
C HIS A 196 15.01 3.43 -2.72
N ASP A 197 16.15 3.80 -2.15
CA ASP A 197 17.26 4.41 -2.89
C ASP A 197 18.52 3.56 -2.61
N LEU A 198 18.33 2.27 -2.47
CA LEU A 198 19.43 1.38 -2.17
C LEU A 198 19.96 0.77 -3.45
N MET A 199 21.23 0.40 -3.42
CA MET A 199 21.86 -0.26 -4.55
C MET A 199 21.32 -1.70 -4.56
N GLU A 200 21.07 -2.24 -3.37
CA GLU A 200 20.57 -3.62 -3.25
C GLU A 200 19.92 -3.87 -1.89
N GLY A 201 18.92 -4.75 -1.86
CA GLY A 201 18.27 -5.09 -0.60
C GLY A 201 17.08 -4.25 -0.14
N GLU A 202 16.35 -3.66 -1.06
CA GLU A 202 15.21 -2.83 -0.66
C GLU A 202 14.01 -3.53 -0.03
N ASP A 203 13.80 -4.79 -0.33
CA ASP A 203 12.64 -5.41 0.30
C ASP A 203 12.91 -5.81 1.76
N VAL A 204 14.18 -6.00 2.09
CA VAL A 204 14.66 -6.46 3.40
C VAL A 204 14.20 -5.71 4.64
N PRO A 205 13.45 -6.40 5.51
CA PRO A 205 12.95 -5.79 6.75
C PRO A 205 13.93 -5.75 7.92
N ILE A 206 13.77 -4.74 8.77
CA ILE A 206 14.59 -4.62 9.97
C ILE A 206 13.89 -5.47 11.04
N LEU A 207 14.61 -6.43 11.62
CA LEU A 207 14.05 -7.32 12.65
C LEU A 207 14.43 -6.91 14.07
N ASP A 208 13.50 -7.10 15.01
CA ASP A 208 13.70 -6.76 16.42
C ASP A 208 14.21 -7.97 17.21
N TYR A 209 15.52 -8.20 17.24
CA TYR A 209 16.03 -9.32 18.02
C TYR A 209 16.05 -9.01 19.51
N ILE A 210 15.65 -10.00 20.30
CA ILE A 210 15.70 -9.87 21.75
C ILE A 210 17.07 -10.42 22.12
N ILE A 211 17.88 -9.62 22.80
CA ILE A 211 19.21 -10.11 23.17
C ILE A 211 19.23 -10.38 24.67
N ILE A 212 19.15 -11.67 25.00
CA ILE A 212 19.12 -12.14 26.39
C ILE A 212 20.53 -12.17 26.98
N LYS A 213 20.75 -11.34 27.99
CA LYS A 213 22.05 -11.22 28.64
C LYS A 213 22.44 -12.37 29.58
N PHE A 214 22.95 -13.45 29.01
CA PHE A 214 23.41 -14.56 29.83
C PHE A 214 24.59 -14.06 30.66
N GLU A 215 24.74 -14.61 31.87
CA GLU A 215 25.80 -14.21 32.79
C GLU A 215 27.02 -15.13 32.86
N LEU A 216 28.16 -14.61 32.44
CA LEU A 216 29.42 -15.33 32.48
C LEU A 216 30.20 -14.72 33.63
N ARG A 217 30.30 -15.46 34.73
CA ARG A 217 31.00 -14.97 35.90
C ARG A 217 32.32 -15.67 36.15
N GLU A 218 33.38 -14.88 36.30
CA GLU A 218 34.71 -15.39 36.56
C GLU A 218 35.60 -14.21 36.95
N ASN A 219 35.75 -14.04 38.27
CA ASN A 219 36.55 -12.95 38.85
C ASN A 219 36.17 -11.55 38.36
N GLY A 220 35.47 -11.48 37.23
CA GLY A 220 35.04 -10.20 36.68
C GLY A 220 33.65 -9.84 37.19
N GLU A 221 33.47 -8.61 37.62
CA GLU A 221 32.20 -8.16 38.16
C GLU A 221 31.05 -7.93 37.17
N VAL A 222 31.36 -7.84 35.87
CA VAL A 222 30.32 -7.60 34.86
C VAL A 222 30.62 -8.09 33.45
N ILE A 223 30.20 -9.30 33.10
CA ILE A 223 30.42 -9.82 31.76
C ILE A 223 29.21 -10.54 31.18
N TYR A 224 28.55 -9.91 30.21
CA TYR A 224 27.37 -10.53 29.60
C TYR A 224 27.58 -11.10 28.22
N LEU A 225 26.95 -12.24 27.98
CA LEU A 225 27.01 -12.92 26.70
C LEU A 225 25.56 -12.83 26.19
N PRO A 226 25.22 -11.72 25.47
CA PRO A 226 23.86 -11.53 24.94
C PRO A 226 23.52 -12.42 23.76
N ALA A 227 22.66 -13.42 23.98
CA ALA A 227 22.25 -14.31 22.90
C ALA A 227 21.02 -13.70 22.21
N ALA A 228 21.09 -13.50 20.90
CA ALA A 228 19.96 -12.92 20.17
C ALA A 228 18.98 -14.02 19.75
N THR A 229 17.69 -13.77 19.93
CA THR A 229 16.70 -14.76 19.55
C THR A 229 15.42 -14.10 19.06
N LEU A 230 14.68 -14.84 18.25
CA LEU A 230 13.40 -14.37 17.74
C LEU A 230 12.32 -15.17 18.48
N ARG A 231 12.77 -16.01 19.42
CA ARG A 231 11.85 -16.83 20.21
C ARG A 231 12.23 -16.70 21.69
N PRO A 232 12.00 -15.52 22.27
CA PRO A 232 12.34 -15.30 23.69
C PRO A 232 11.66 -16.27 24.64
N GLU A 233 10.54 -16.85 24.21
CA GLU A 233 9.84 -17.79 25.07
C GLU A 233 10.64 -19.08 25.26
N THR A 234 11.54 -19.39 24.33
CA THR A 234 12.34 -20.60 24.45
C THR A 234 13.50 -20.44 25.42
N VAL A 235 13.49 -19.34 26.17
CA VAL A 235 14.56 -19.11 27.14
C VAL A 235 14.46 -20.15 28.25
N TYR A 236 13.24 -20.64 28.47
CA TYR A 236 12.97 -21.65 29.49
C TYR A 236 13.43 -23.05 29.12
N GLY A 237 14.13 -23.17 27.99
CA GLY A 237 14.58 -24.50 27.59
C GLY A 237 15.96 -24.55 26.97
N VAL A 238 16.80 -23.55 27.22
CA VAL A 238 18.13 -23.55 26.62
C VAL A 238 19.10 -24.52 27.32
N THR A 239 19.55 -25.50 26.55
CA THR A 239 20.44 -26.55 27.02
C THR A 239 21.93 -26.24 26.91
N ASN A 240 22.28 -25.25 26.10
CA ASN A 240 23.66 -24.89 25.91
C ASN A 240 23.72 -23.64 25.03
N MET A 241 24.91 -23.09 24.83
CA MET A 241 25.09 -21.90 24.00
C MET A 241 25.85 -22.27 22.75
N TRP A 242 25.63 -21.49 21.70
CA TRP A 242 26.29 -21.70 20.42
C TRP A 242 27.18 -20.49 20.10
N VAL A 243 28.32 -20.77 19.48
CA VAL A 243 29.26 -19.74 19.08
C VAL A 243 30.12 -20.32 17.97
N ASN A 244 30.50 -19.49 17.00
CA ASN A 244 31.34 -19.97 15.91
C ASN A 244 32.78 -19.89 16.41
N PRO A 245 33.37 -21.04 16.75
CA PRO A 245 34.75 -21.05 17.24
C PRO A 245 35.75 -20.39 16.30
N ASN A 246 35.43 -20.35 15.00
CA ASN A 246 36.32 -19.75 14.00
C ASN A 246 36.13 -18.24 13.84
N ALA A 247 35.04 -17.71 14.39
CA ALA A 247 34.77 -16.29 14.27
C ALA A 247 35.42 -15.46 15.37
N THR A 248 35.78 -14.23 15.03
CA THR A 248 36.40 -13.34 16.00
C THR A 248 35.36 -12.67 16.90
N TYR A 249 35.52 -12.85 18.20
CA TYR A 249 34.63 -12.23 19.16
C TYR A 249 35.39 -11.17 19.91
N VAL A 250 34.68 -10.26 20.53
CA VAL A 250 35.32 -9.20 21.29
C VAL A 250 34.71 -9.11 22.68
N LYS A 251 35.50 -8.59 23.60
CA LYS A 251 35.06 -8.36 24.96
C LYS A 251 35.01 -6.85 24.87
N ALA A 252 33.91 -6.23 25.28
CA ALA A 252 33.86 -4.79 25.16
C ALA A 252 33.06 -4.11 26.22
N LYS A 253 33.41 -2.84 26.41
CA LYS A 253 32.73 -1.98 27.35
C LYS A 253 31.52 -1.43 26.58
N VAL A 254 30.34 -1.62 27.14
CA VAL A 254 29.11 -1.16 26.50
C VAL A 254 28.40 -0.18 27.42
N ARG A 255 28.41 1.11 27.07
CA ARG A 255 27.74 2.09 27.91
C ARG A 255 26.63 2.89 27.21
N ARG A 256 25.60 3.21 27.98
CA ARG A 256 24.46 3.97 27.50
C ARG A 256 24.05 4.93 28.62
N LYS A 257 24.12 6.24 28.34
CA LYS A 257 23.79 7.27 29.32
C LYS A 257 24.80 7.23 30.47
N ASP A 258 24.48 6.46 31.51
CA ASP A 258 25.35 6.32 32.67
C ASP A 258 25.56 4.86 33.05
N LYS A 259 24.84 3.97 32.38
CA LYS A 259 24.97 2.53 32.61
C LYS A 259 26.11 2.04 31.72
N GLU A 260 27.07 1.33 32.31
CA GLU A 260 28.19 0.82 31.55
C GLU A 260 28.50 -0.61 31.96
N GLU A 261 28.41 -1.53 31.00
CA GLU A 261 28.67 -2.94 31.26
C GLU A 261 29.79 -3.42 30.37
N THR A 262 30.07 -4.71 30.46
CA THR A 262 31.11 -5.34 29.66
C THR A 262 30.44 -6.56 29.06
N TRP A 263 30.50 -6.67 27.74
CA TRP A 263 29.86 -7.76 27.00
C TRP A 263 30.87 -8.43 26.10
N ILE A 264 30.47 -9.59 25.60
CA ILE A 264 31.26 -10.33 24.63
C ILE A 264 30.26 -10.73 23.52
N VAL A 265 30.51 -10.21 22.32
CA VAL A 265 29.67 -10.50 21.16
C VAL A 265 30.64 -10.61 20.01
N SER A 266 30.15 -10.99 18.84
CA SER A 266 31.01 -11.11 17.67
C SER A 266 31.61 -9.73 17.35
N LYS A 267 32.70 -9.74 16.60
CA LYS A 267 33.37 -8.51 16.19
C LYS A 267 32.38 -7.64 15.38
N GLU A 268 31.58 -8.28 14.53
CA GLU A 268 30.60 -7.58 13.71
C GLU A 268 29.51 -6.97 14.57
N ALA A 269 29.06 -7.71 15.58
CA ALA A 269 28.01 -7.23 16.45
C ALA A 269 28.47 -5.96 17.15
N ALA A 270 29.71 -5.96 17.61
CA ALA A 270 30.22 -4.78 18.32
C ALA A 270 30.15 -3.52 17.47
N TYR A 271 30.45 -3.64 16.17
CA TYR A 271 30.40 -2.48 15.27
C TYR A 271 28.94 -2.04 15.06
N LYS A 272 28.05 -3.00 14.82
CA LYS A 272 26.65 -2.69 14.62
C LYS A 272 26.05 -1.98 15.84
N LEU A 273 26.30 -2.56 17.03
CA LEU A 273 25.78 -2.00 18.27
C LEU A 273 26.23 -0.56 18.48
N SER A 274 27.38 -0.19 17.93
CA SER A 274 27.85 1.18 18.11
C SER A 274 26.92 2.20 17.47
N PHE A 275 26.07 1.77 16.54
CA PHE A 275 25.15 2.71 15.89
C PHE A 275 23.76 2.63 16.52
N GLN A 276 23.59 1.73 17.47
CA GLN A 276 22.29 1.56 18.12
C GLN A 276 22.24 2.06 19.56
N ASP A 277 22.44 3.37 19.68
CA ASP A 277 22.37 4.05 20.97
C ASP A 277 23.23 3.42 22.07
N ARG A 278 24.47 3.06 21.73
CA ARG A 278 25.39 2.49 22.70
C ARG A 278 26.81 2.87 22.33
N GLU A 279 27.60 3.18 23.33
CA GLU A 279 28.99 3.52 23.11
C GLU A 279 29.75 2.20 23.29
N ILE A 280 30.58 1.86 22.32
CA ILE A 280 31.31 0.60 22.39
C ILE A 280 32.81 0.82 22.36
N GLU A 281 33.51 0.15 23.26
CA GLU A 281 34.98 0.23 23.31
C GLU A 281 35.43 -1.22 23.47
N VAL A 282 36.03 -1.76 22.41
CA VAL A 282 36.48 -3.15 22.44
C VAL A 282 37.71 -3.34 23.32
N ILE A 283 37.73 -4.44 24.05
CA ILE A 283 38.83 -4.76 24.93
C ILE A 283 39.80 -5.74 24.27
N GLU A 284 39.30 -6.66 23.45
CA GLU A 284 40.17 -7.61 22.77
C GLU A 284 39.45 -8.63 21.89
N GLU A 285 40.15 -9.10 20.86
CA GLU A 285 39.65 -10.12 19.94
C GLU A 285 39.89 -11.44 20.68
N PHE A 286 38.90 -12.34 20.65
CA PHE A 286 39.05 -13.60 21.38
C PHE A 286 38.65 -14.85 20.63
N LYS A 287 38.85 -14.87 19.31
CA LYS A 287 38.48 -16.05 18.53
C LYS A 287 37.10 -16.51 18.95
N GLY A 288 36.83 -17.81 18.87
CA GLY A 288 35.53 -18.31 19.26
C GLY A 288 35.73 -19.47 20.22
N GLU A 289 36.71 -20.31 19.92
CA GLU A 289 37.02 -21.47 20.74
C GLU A 289 37.43 -21.04 22.14
N LYS A 290 37.94 -19.82 22.27
CA LYS A 290 38.37 -19.29 23.57
C LYS A 290 37.23 -19.18 24.57
N LEU A 291 36.00 -19.36 24.10
CA LEU A 291 34.82 -19.28 24.96
C LEU A 291 34.24 -20.66 25.25
N ILE A 292 34.46 -21.59 24.33
CA ILE A 292 33.95 -22.94 24.48
C ILE A 292 34.36 -23.56 25.80
N GLY A 293 33.45 -24.33 26.39
CA GLY A 293 33.74 -24.96 27.66
C GLY A 293 33.33 -24.11 28.84
N LYS A 294 33.21 -22.80 28.62
CA LYS A 294 32.80 -21.91 29.69
C LYS A 294 31.32 -22.09 29.97
N TYR A 295 30.92 -21.75 31.18
CA TYR A 295 29.53 -21.87 31.58
C TYR A 295 28.96 -20.49 31.83
N VAL A 296 27.67 -20.34 31.54
CA VAL A 296 27.02 -19.06 31.74
C VAL A 296 25.69 -19.31 32.41
N ARG A 297 25.23 -18.30 33.16
CA ARG A 297 23.96 -18.42 33.84
C ARG A 297 22.82 -17.85 32.97
N ASN A 298 21.72 -18.59 32.93
CA ASN A 298 20.51 -18.19 32.21
C ASN A 298 19.82 -17.23 33.16
N PRO A 299 19.85 -15.92 32.87
CA PRO A 299 19.22 -14.94 33.75
C PRO A 299 17.72 -15.15 34.02
N VAL A 300 17.13 -16.13 33.35
CA VAL A 300 15.70 -16.41 33.54
C VAL A 300 15.53 -17.68 34.38
N SER A 301 16.06 -18.80 33.88
CA SER A 301 15.99 -20.06 34.63
C SER A 301 17.40 -20.22 35.18
N GLY A 302 17.59 -19.82 36.43
CA GLY A 302 18.89 -19.87 37.10
C GLY A 302 19.92 -20.89 36.66
N ASP A 303 19.54 -21.81 35.78
CA ASP A 303 20.45 -22.83 35.26
C ASP A 303 21.75 -22.24 34.77
N GLU A 304 22.77 -23.10 34.68
CA GLU A 304 24.07 -22.67 34.19
C GLU A 304 24.39 -23.64 33.05
N VAL A 305 24.70 -23.11 31.88
CA VAL A 305 24.98 -23.99 30.73
C VAL A 305 26.33 -23.75 30.03
N ILE A 306 26.67 -24.70 29.16
CA ILE A 306 27.92 -24.71 28.39
C ILE A 306 27.85 -24.05 27.02
N ILE A 307 28.96 -23.44 26.63
CA ILE A 307 29.10 -22.78 25.34
C ILE A 307 29.78 -23.75 24.36
N LEU A 308 29.00 -24.33 23.45
CA LEU A 308 29.53 -25.28 22.48
C LEU A 308 29.80 -24.72 21.08
N PRO A 309 30.69 -25.37 20.33
CA PRO A 309 31.06 -24.97 18.96
C PRO A 309 29.95 -25.30 17.98
N ALA A 310 29.85 -24.52 16.91
CA ALA A 310 28.83 -24.74 15.90
C ALA A 310 29.05 -23.79 14.72
N GLU A 311 29.49 -24.34 13.59
CA GLU A 311 29.75 -23.51 12.42
C GLU A 311 28.48 -22.99 11.74
N PHE A 312 27.31 -23.29 12.31
CA PHE A 312 26.08 -22.81 11.70
C PHE A 312 25.76 -21.39 12.18
N VAL A 313 26.20 -21.05 13.38
CA VAL A 313 25.96 -19.71 13.90
C VAL A 313 26.70 -18.68 13.02
N ASP A 314 26.06 -17.56 12.76
CA ASP A 314 26.63 -16.51 11.92
C ASP A 314 27.09 -15.32 12.76
N PRO A 315 28.41 -15.12 12.92
CA PRO A 315 28.89 -14.00 13.71
C PRO A 315 28.40 -12.66 13.17
N ASP A 316 28.04 -12.65 11.88
CA ASP A 316 27.58 -11.45 11.23
C ASP A 316 26.06 -11.38 11.22
N ASN A 317 25.44 -12.02 12.20
CA ASN A 317 23.99 -11.94 12.36
C ASN A 317 23.72 -11.65 13.83
N ALA A 318 23.06 -10.53 14.10
CA ALA A 318 22.75 -10.13 15.46
C ALA A 318 24.04 -10.12 16.31
N THR A 319 24.01 -10.70 17.51
CA THR A 319 25.16 -10.73 18.43
C THR A 319 26.26 -11.74 18.11
N GLY A 320 25.91 -12.78 17.36
CA GLY A 320 26.88 -13.81 17.05
C GLY A 320 26.82 -14.91 18.11
N VAL A 321 25.89 -14.77 19.06
CA VAL A 321 25.70 -15.73 20.15
C VAL A 321 24.29 -16.31 20.11
N VAL A 322 24.17 -17.63 20.11
CA VAL A 322 22.87 -18.29 20.07
C VAL A 322 22.64 -19.17 21.31
N MET A 323 21.38 -19.27 21.76
CA MET A 323 21.04 -20.11 22.92
C MET A 323 20.31 -21.31 22.34
N SER A 324 20.82 -22.50 22.64
CA SER A 324 20.26 -23.73 22.11
C SER A 324 18.99 -24.24 22.80
N VAL A 325 18.04 -24.70 21.99
CA VAL A 325 16.77 -25.25 22.47
C VAL A 325 16.43 -26.34 21.43
N PRO A 326 17.15 -27.47 21.46
CA PRO A 326 17.03 -28.64 20.58
C PRO A 326 15.65 -29.26 20.44
N ALA A 327 14.81 -29.12 21.46
CA ALA A 327 13.48 -29.68 21.41
C ALA A 327 12.59 -28.92 20.42
N HIS A 328 12.97 -27.70 20.08
CA HIS A 328 12.17 -26.90 19.16
C HIS A 328 12.96 -26.19 18.06
N ALA A 329 14.28 -26.21 18.16
CA ALA A 329 15.09 -25.56 17.14
C ALA A 329 15.92 -26.59 16.39
N PRO A 330 15.40 -27.07 15.24
CA PRO A 330 16.08 -28.05 14.40
C PRO A 330 17.61 -27.88 14.34
N PHE A 331 18.05 -26.64 14.08
CA PHE A 331 19.49 -26.36 14.01
C PHE A 331 20.23 -26.78 15.28
N ASP A 332 19.64 -26.49 16.43
CA ASP A 332 20.28 -26.84 17.70
C ASP A 332 20.37 -28.35 17.90
N HIS A 333 19.36 -29.08 17.42
CA HIS A 333 19.36 -30.52 17.55
C HIS A 333 20.52 -31.15 16.76
N VAL A 334 20.48 -31.04 15.44
CA VAL A 334 21.51 -31.62 14.59
C VAL A 334 22.89 -31.08 14.94
N ALA A 335 22.90 -29.92 15.60
CA ALA A 335 24.17 -29.33 16.01
C ALA A 335 24.70 -30.14 17.18
N LEU A 336 23.78 -30.61 18.04
CA LEU A 336 24.16 -31.42 19.19
C LEU A 336 24.85 -32.69 18.75
N GLU A 337 24.46 -33.19 17.59
CA GLU A 337 25.07 -34.40 17.04
C GLU A 337 26.59 -34.24 17.10
N ASP A 338 27.24 -35.08 17.90
CA ASP A 338 28.68 -35.03 18.04
C ASP A 338 29.31 -36.38 17.74
N LEU A 339 30.61 -36.38 17.51
CA LEU A 339 31.34 -37.60 17.20
C LEU A 339 32.81 -37.29 16.88
N LYS A 340 33.38 -36.34 17.62
CA LYS A 340 34.77 -35.95 17.42
C LYS A 340 35.52 -35.89 18.76
N ARG A 341 36.66 -35.20 18.77
CA ARG A 341 37.48 -35.11 19.98
C ARG A 341 37.37 -33.81 20.80
N GLU A 342 37.26 -32.67 20.13
CA GLU A 342 37.18 -31.38 20.81
C GLU A 342 38.14 -31.24 21.99
N THR A 343 37.61 -30.88 23.17
CA THR A 343 38.43 -30.70 24.35
C THR A 343 37.97 -31.51 25.57
N GLU A 344 36.66 -31.52 25.82
CA GLU A 344 36.09 -32.27 26.94
C GLU A 344 34.81 -32.97 26.49
N ILE A 345 34.45 -34.07 27.15
CA ILE A 345 33.24 -34.80 26.77
C ILE A 345 32.40 -35.37 27.91
N LEU A 346 31.39 -34.62 28.33
CA LEU A 346 30.46 -35.03 29.38
C LEU A 346 29.11 -35.12 28.70
N GLU A 347 29.15 -35.23 27.38
CA GLU A 347 27.97 -35.30 26.53
C GLU A 347 26.95 -36.37 26.95
N LYS A 348 25.87 -36.46 26.16
CA LYS A 348 24.78 -37.40 26.41
C LYS A 348 24.08 -37.06 27.70
N TYR A 349 24.70 -36.17 28.48
CA TYR A 349 24.16 -35.75 29.76
C TYR A 349 23.15 -34.62 29.56
N ASP A 350 22.13 -34.60 30.42
CA ASP A 350 21.08 -33.59 30.38
C ASP A 350 20.25 -33.70 29.10
N ILE A 351 18.97 -34.02 29.28
CA ILE A 351 18.04 -34.19 28.16
C ILE A 351 17.58 -32.86 27.58
N ASP A 352 16.65 -32.94 26.64
CA ASP A 352 16.13 -31.75 25.97
C ASP A 352 14.77 -31.34 26.55
N PRO A 353 14.74 -30.29 27.39
CA PRO A 353 13.46 -29.87 27.96
C PRO A 353 12.50 -29.31 26.91
N ARG A 354 11.33 -29.95 26.78
CA ARG A 354 10.31 -29.54 25.82
C ARG A 354 9.33 -28.55 26.45
N ILE A 355 8.60 -27.81 25.61
CA ILE A 355 7.62 -26.85 26.09
C ILE A 355 6.35 -26.81 25.22
N VAL A 356 6.11 -27.89 24.47
CA VAL A 356 4.95 -28.01 23.59
C VAL A 356 3.66 -27.61 24.31
N PHE A 373 3.40 -34.25 17.26
CA PHE A 373 3.46 -33.39 18.42
C PHE A 373 4.30 -33.96 19.56
N PRO A 374 5.30 -34.82 19.27
CA PRO A 374 6.10 -35.37 20.37
C PRO A 374 6.72 -34.33 21.31
N ALA A 375 6.85 -34.69 22.59
CA ALA A 375 7.41 -33.81 23.61
C ALA A 375 8.53 -32.95 23.03
N VAL A 376 9.65 -33.58 22.69
CA VAL A 376 10.78 -32.87 22.11
C VAL A 376 10.64 -32.95 20.59
N GLU A 377 9.69 -32.20 20.06
CA GLU A 377 9.40 -32.17 18.62
C GLU A 377 10.62 -32.15 17.71
N GLU A 378 11.27 -33.31 17.59
CA GLU A 378 12.46 -33.47 16.78
C GLU A 378 12.14 -34.40 15.61
N VAL A 379 10.87 -34.46 15.25
CA VAL A 379 10.43 -35.29 14.16
C VAL A 379 11.11 -34.81 12.87
N ASN A 380 10.82 -33.58 12.49
CA ASN A 380 11.38 -32.98 11.28
C ASN A 380 12.89 -33.16 11.18
N LYS A 381 13.59 -32.75 12.23
CA LYS A 381 15.05 -32.85 12.26
C LYS A 381 15.54 -34.30 12.19
N LEU A 382 14.60 -35.21 11.96
CA LEU A 382 14.88 -36.64 11.83
C LEU A 382 13.90 -37.22 10.82
N GLY A 383 13.19 -36.34 10.12
CA GLY A 383 12.24 -36.78 9.12
C GLY A 383 12.74 -36.53 7.71
N ILE A 384 13.93 -35.95 7.61
CA ILE A 384 14.55 -35.65 6.33
C ILE A 384 16.08 -35.76 6.46
N LYS A 385 16.53 -36.39 7.54
CA LYS A 385 17.95 -36.55 7.83
C LYS A 385 18.48 -35.22 8.33
N SER A 386 19.78 -35.12 8.57
CA SER A 386 20.32 -33.87 9.08
C SER A 386 21.82 -33.66 8.84
N GLN A 387 22.53 -33.39 9.93
CA GLN A 387 23.98 -33.14 9.96
C GLN A 387 24.26 -31.64 10.04
N LYS A 388 24.82 -31.24 11.18
CA LYS A 388 25.17 -29.86 11.51
C LYS A 388 25.01 -28.78 10.46
N ASP A 389 25.53 -28.99 9.25
CA ASP A 389 25.44 -27.97 8.22
C ASP A 389 25.03 -28.43 6.83
N LYS A 390 24.06 -29.34 6.73
CA LYS A 390 23.62 -29.79 5.42
C LYS A 390 22.76 -28.67 4.84
N GLU A 391 22.56 -27.62 5.62
CA GLU A 391 21.76 -26.48 5.21
C GLU A 391 20.34 -26.96 4.90
N LYS A 392 19.50 -26.07 4.39
CA LYS A 392 18.12 -26.45 4.08
C LYS A 392 17.49 -26.94 5.38
N LEU A 393 18.27 -26.88 6.44
CA LEU A 393 17.86 -27.30 7.77
C LEU A 393 16.81 -26.29 8.24
N GLU A 394 16.75 -25.17 7.54
CA GLU A 394 15.80 -24.12 7.88
C GLU A 394 14.38 -24.52 7.50
N GLN A 395 14.22 -25.30 6.46
CA GLN A 395 12.89 -25.75 6.07
C GLN A 395 12.28 -26.49 7.23
N ALA A 396 13.15 -27.12 8.02
CA ALA A 396 12.70 -27.87 9.20
C ALA A 396 12.26 -26.88 10.26
N THR A 397 13.11 -25.88 10.52
CA THR A 397 12.81 -24.87 11.52
C THR A 397 11.60 -24.02 11.10
N LYS A 398 11.41 -23.89 9.80
CA LYS A 398 10.28 -23.12 9.25
C LYS A 398 8.98 -23.76 9.73
N THR A 399 8.82 -25.04 9.42
CA THR A 399 7.65 -25.82 9.79
C THR A 399 7.37 -25.78 11.30
N ILE A 400 8.42 -26.00 12.09
CA ILE A 400 8.27 -25.98 13.54
C ILE A 400 7.91 -24.59 14.05
N TYR A 401 8.77 -23.63 13.74
CA TYR A 401 8.53 -22.26 14.17
C TYR A 401 7.14 -21.81 13.76
N LYS A 402 6.77 -22.09 12.51
CA LYS A 402 5.44 -21.73 12.00
C LYS A 402 4.34 -22.33 12.87
N ALA A 403 4.34 -23.66 12.95
CA ALA A 403 3.35 -24.40 13.73
C ALA A 403 3.28 -23.94 15.19
N GLU A 404 4.40 -24.08 15.90
CA GLU A 404 4.45 -23.69 17.30
C GLU A 404 3.81 -22.35 17.57
N TYR A 405 4.03 -21.38 16.67
CA TYR A 405 3.44 -20.06 16.85
C TYR A 405 1.92 -20.12 16.74
N HIS A 406 1.44 -20.80 15.70
CA HIS A 406 0.00 -20.94 15.49
C HIS A 406 -0.66 -21.55 16.71
N LYS A 407 -0.64 -22.88 16.79
CA LYS A 407 -1.21 -23.55 17.95
C LYS A 407 -0.14 -23.60 19.03
N GLY A 408 0.17 -24.79 19.53
CA GLY A 408 1.19 -24.92 20.56
C GLY A 408 0.86 -24.17 21.84
N ILE A 409 0.84 -24.90 22.94
CA ILE A 409 0.53 -24.32 24.25
C ILE A 409 1.80 -24.42 25.09
N PHE A 410 2.03 -23.44 25.95
CA PHE A 410 3.23 -23.43 26.78
C PHE A 410 3.17 -24.44 27.93
N LYS A 411 4.22 -25.28 28.02
CA LYS A 411 4.33 -26.30 29.05
C LYS A 411 4.79 -25.73 30.39
N VAL A 412 6.00 -25.18 30.40
CA VAL A 412 6.61 -24.58 31.59
C VAL A 412 5.62 -23.94 32.58
N PRO A 413 5.89 -24.09 33.89
CA PRO A 413 5.07 -23.55 34.98
C PRO A 413 4.61 -22.09 34.89
N PRO A 414 5.56 -21.14 34.88
CA PRO A 414 5.16 -19.73 34.80
C PRO A 414 4.03 -19.47 33.81
N TYR A 415 4.07 -20.14 32.67
CA TYR A 415 3.04 -19.98 31.66
C TYR A 415 2.47 -21.34 31.29
N GLU A 416 1.71 -21.91 32.23
CA GLU A 416 1.08 -23.20 32.04
C GLU A 416 -0.21 -23.07 31.23
N GLY A 417 -0.28 -23.81 30.13
CA GLY A 417 -1.47 -23.78 29.30
C GLY A 417 -1.72 -22.42 28.65
N LYS A 418 -0.65 -21.69 28.39
CA LYS A 418 -0.75 -20.39 27.77
C LYS A 418 -0.34 -20.50 26.31
N PRO A 419 -0.96 -19.69 25.43
CA PRO A 419 -0.58 -19.76 24.01
C PRO A 419 0.86 -19.31 23.87
N VAL A 420 1.63 -20.00 23.03
CA VAL A 420 3.02 -19.63 22.83
C VAL A 420 3.09 -18.15 22.48
N GLN A 421 2.22 -17.74 21.56
CA GLN A 421 2.14 -16.36 21.09
C GLN A 421 1.97 -15.37 22.23
N GLU A 422 1.33 -15.82 23.31
CA GLU A 422 1.11 -14.97 24.47
C GLU A 422 2.35 -14.92 25.35
N VAL A 423 2.94 -16.09 25.55
CA VAL A 423 4.13 -16.25 26.37
C VAL A 423 5.30 -15.44 25.82
N LYS A 424 5.52 -15.54 24.51
CA LYS A 424 6.58 -14.79 23.83
C LYS A 424 6.46 -13.31 24.14
N GLU A 425 5.24 -12.79 23.98
CA GLU A 425 4.96 -11.38 24.21
C GLU A 425 5.20 -11.00 25.67
N ALA A 426 4.79 -11.88 26.58
CA ALA A 426 4.94 -11.64 28.00
C ALA A 426 6.38 -11.72 28.49
N ILE A 427 7.06 -12.81 28.12
CA ILE A 427 8.44 -13.01 28.53
C ILE A 427 9.31 -11.86 28.07
N ALA A 428 9.22 -11.55 26.77
CA ALA A 428 10.01 -10.47 26.20
C ALA A 428 9.70 -9.19 26.96
N LYS A 429 8.41 -8.96 27.19
CA LYS A 429 8.01 -7.76 27.89
C LYS A 429 8.64 -7.71 29.28
N GLU A 430 8.74 -8.87 29.93
CA GLU A 430 9.31 -8.96 31.27
C GLU A 430 10.83 -8.81 31.34
N MET A 431 11.57 -9.52 30.48
CA MET A 431 13.03 -9.42 30.50
C MET A 431 13.44 -8.02 30.13
N LEU A 432 12.69 -7.43 29.20
CA LEU A 432 13.00 -6.09 28.73
C LEU A 432 12.92 -5.11 29.89
N GLU A 433 11.78 -5.05 30.57
CA GLU A 433 11.65 -4.14 31.70
C GLU A 433 12.10 -4.82 32.97
N LYS A 434 13.40 -5.06 33.03
CA LYS A 434 14.08 -5.71 34.15
C LYS A 434 15.56 -5.59 33.81
N GLY A 435 15.84 -5.43 32.52
CA GLY A 435 17.21 -5.30 32.05
C GLY A 435 17.83 -6.62 31.68
N ILE A 436 17.08 -7.71 31.89
CA ILE A 436 17.55 -9.06 31.58
C ILE A 436 17.81 -9.24 30.09
N ALA A 437 17.02 -8.56 29.27
CA ALA A 437 17.17 -8.63 27.82
C ALA A 437 17.08 -7.24 27.22
N GLU A 438 17.67 -7.10 26.05
CA GLU A 438 17.64 -5.83 25.32
C GLU A 438 17.29 -6.11 23.86
N ILE A 439 17.08 -5.05 23.10
CA ILE A 439 16.75 -5.20 21.69
C ILE A 439 17.88 -4.78 20.79
N MET A 440 18.15 -5.60 19.79
CA MET A 440 19.15 -5.28 18.81
C MET A 440 18.45 -5.37 17.45
N TYR A 441 18.54 -4.31 16.66
CA TYR A 441 17.94 -4.38 15.34
C TYR A 441 18.90 -5.06 14.37
N GLU A 442 18.36 -5.84 13.45
CA GLU A 442 19.18 -6.53 12.47
C GLU A 442 18.38 -6.74 11.19
N PHE A 443 19.05 -6.66 10.03
CA PHE A 443 18.35 -6.87 8.75
C PHE A 443 18.06 -8.37 8.56
N ALA A 444 16.94 -8.70 7.93
CA ALA A 444 16.62 -10.11 7.69
C ALA A 444 17.63 -10.72 6.71
N GLU A 445 18.22 -9.90 5.85
CA GLU A 445 19.20 -10.39 4.88
C GLU A 445 20.46 -9.53 4.97
N LYS A 446 21.59 -10.05 4.50
CA LYS A 446 22.86 -9.33 4.57
C LYS A 446 23.23 -8.41 3.40
N ASN A 447 22.42 -8.40 2.35
CA ASN A 447 22.75 -7.60 1.17
C ASN A 447 22.05 -6.26 1.08
N VAL A 448 22.01 -5.50 2.18
CA VAL A 448 21.37 -4.20 2.16
C VAL A 448 22.53 -3.27 1.91
N ILE A 449 22.56 -2.72 0.70
CA ILE A 449 23.65 -1.87 0.23
C ILE A 449 23.19 -0.48 -0.24
N SER A 450 23.88 0.53 0.26
CA SER A 450 23.59 1.92 -0.05
C SER A 450 24.04 2.26 -1.45
N ARG A 451 23.61 3.44 -1.90
CA ARG A 451 23.95 3.95 -3.21
C ARG A 451 25.46 4.26 -3.30
N PHE A 452 26.12 4.35 -2.14
CA PHE A 452 27.56 4.62 -2.12
C PHE A 452 28.31 3.29 -2.20
N GLY A 453 27.57 2.20 -2.20
CA GLY A 453 28.21 0.89 -2.33
C GLY A 453 28.63 0.19 -1.06
N ASN A 454 28.21 0.72 0.09
CA ASN A 454 28.60 0.12 1.35
C ASN A 454 27.46 -0.59 2.05
N ARG A 455 27.77 -1.66 2.78
CA ARG A 455 26.75 -2.37 3.52
C ARG A 455 26.15 -1.42 4.51
N ALA A 456 24.83 -1.34 4.53
CA ALA A 456 24.16 -0.44 5.46
C ALA A 456 24.13 -1.00 6.87
N VAL A 457 23.96 -0.11 7.85
CA VAL A 457 23.82 -0.52 9.25
C VAL A 457 22.51 0.17 9.68
N ILE A 458 22.00 -0.22 10.84
CA ILE A 458 20.78 0.39 11.35
C ILE A 458 21.24 1.34 12.43
N LYS A 459 20.83 2.60 12.33
CA LYS A 459 21.23 3.57 13.33
C LYS A 459 20.01 4.11 14.06
N ILE A 460 20.15 4.25 15.37
CA ILE A 460 19.04 4.79 16.14
C ILE A 460 19.26 6.28 16.20
N ILE A 461 18.24 7.05 15.81
CA ILE A 461 18.35 8.50 15.86
C ILE A 461 17.34 8.95 16.90
N HIS A 462 17.43 10.20 17.30
CA HIS A 462 16.54 10.71 18.33
C HIS A 462 15.72 11.89 17.83
N ASP A 463 15.85 12.24 16.57
CA ASP A 463 15.13 13.41 16.06
C ASP A 463 14.19 13.14 14.87
N GLN A 464 13.65 11.93 14.81
CA GLN A 464 12.71 11.55 13.77
C GLN A 464 11.33 12.19 14.01
N TRP A 465 10.75 12.79 12.98
CA TRP A 465 9.42 13.39 13.11
C TRP A 465 8.29 12.36 12.87
N PHE A 466 7.26 12.37 13.73
CA PHE A 466 6.12 11.45 13.64
C PHE A 466 4.79 12.18 13.65
N ILE A 467 3.76 11.55 13.06
CA ILE A 467 2.40 12.11 13.15
C ILE A 467 1.89 11.15 14.22
N ASP A 468 1.36 11.68 15.31
CA ASP A 468 0.94 10.83 16.42
C ASP A 468 -0.47 10.26 16.37
N TYR A 469 -0.63 9.19 15.58
CA TYR A 469 -1.93 8.54 15.43
C TYR A 469 -2.29 7.77 16.70
N GLY A 470 -1.35 7.72 17.63
CA GLY A 470 -1.59 7.04 18.89
C GLY A 470 -2.32 7.92 19.88
N ASN A 471 -2.46 9.21 19.59
CA ASN A 471 -3.15 10.15 20.47
C ASN A 471 -4.58 9.65 20.70
N PRO A 472 -4.92 9.26 21.94
CA PRO A 472 -6.25 8.74 22.30
C PRO A 472 -7.44 9.66 21.99
N GLU A 473 -7.26 10.97 22.16
CA GLU A 473 -8.35 11.90 21.85
C GLU A 473 -8.59 11.84 20.34
N TRP A 474 -7.49 11.83 19.59
CA TRP A 474 -7.54 11.81 18.14
C TRP A 474 -8.23 10.54 17.68
N LYS A 475 -7.86 9.41 18.27
CA LYS A 475 -8.48 8.14 17.92
C LYS A 475 -9.98 8.20 18.11
N GLU A 476 -10.44 8.89 19.15
CA GLU A 476 -11.86 8.96 19.43
C GLU A 476 -12.65 9.71 18.36
N LYS A 477 -12.12 10.84 17.94
CA LYS A 477 -12.74 11.63 16.91
C LYS A 477 -12.76 10.81 15.59
N ALA A 478 -11.73 9.98 15.40
CA ALA A 478 -11.62 9.16 14.19
C ALA A 478 -12.70 8.11 14.22
N ARG A 479 -12.96 7.53 15.39
CA ARG A 479 -14.00 6.51 15.54
C ARG A 479 -15.36 7.13 15.23
N LYS A 480 -15.52 8.39 15.64
CA LYS A 480 -16.77 9.10 15.42
C LYS A 480 -16.99 9.31 13.91
N ALA A 481 -15.95 9.78 13.21
CA ALA A 481 -16.05 9.98 11.78
C ALA A 481 -16.36 8.64 11.08
N LEU A 482 -15.65 7.58 11.45
CA LEU A 482 -15.88 6.27 10.83
C LEU A 482 -17.32 5.78 10.99
N GLU A 483 -17.87 6.00 12.17
CA GLU A 483 -19.23 5.60 12.52
C GLU A 483 -20.28 6.20 11.59
N ARG A 484 -20.00 7.43 11.16
CA ARG A 484 -20.90 8.20 10.31
C ARG A 484 -20.68 7.95 8.84
N MET A 485 -19.72 7.11 8.47
CA MET A 485 -19.49 6.94 7.04
C MET A 485 -19.83 5.55 6.54
N LYS A 486 -20.04 5.42 5.24
CA LYS A 486 -20.32 4.10 4.69
C LYS A 486 -18.98 3.46 4.36
N ILE A 487 -18.90 2.14 4.55
CA ILE A 487 -17.71 1.36 4.21
C ILE A 487 -18.21 0.26 3.30
N LEU A 488 -17.60 0.15 2.12
CA LEU A 488 -17.98 -0.89 1.15
C LEU A 488 -16.72 -1.74 0.89
N PRO A 489 -16.77 -3.06 1.16
CA PRO A 489 -17.92 -3.79 1.69
C PRO A 489 -17.97 -3.54 3.19
N GLU A 490 -19.17 -3.54 3.77
CA GLU A 490 -19.33 -3.28 5.21
C GLU A 490 -18.54 -4.25 6.07
N THR A 491 -18.28 -5.44 5.56
CA THR A 491 -17.49 -6.43 6.28
C THR A 491 -16.08 -5.92 6.58
N ARG A 492 -15.70 -4.77 6.03
CA ARG A 492 -14.36 -4.23 6.27
C ARG A 492 -14.37 -3.21 7.38
N ARG A 493 -15.56 -2.86 7.88
CA ARG A 493 -15.66 -1.90 8.98
C ARG A 493 -14.87 -2.35 10.22
N ALA A 494 -14.97 -3.63 10.57
CA ALA A 494 -14.26 -4.14 11.75
C ALA A 494 -12.76 -3.91 11.61
N GLN A 495 -12.21 -4.20 10.43
CA GLN A 495 -10.78 -3.96 10.24
C GLN A 495 -10.48 -2.48 10.47
N PHE A 496 -11.30 -1.56 9.94
CA PHE A 496 -11.00 -0.16 10.16
C PHE A 496 -11.00 0.20 11.64
N GLU A 497 -11.99 -0.29 12.38
CA GLU A 497 -12.08 -0.02 13.82
C GLU A 497 -10.81 -0.53 14.53
N ALA A 498 -10.36 -1.72 14.18
CA ALA A 498 -9.17 -2.30 14.77
C ALA A 498 -7.94 -1.44 14.43
N ILE A 499 -7.77 -1.04 13.16
CA ILE A 499 -6.62 -0.22 12.78
C ILE A 499 -6.58 1.06 13.60
N ILE A 500 -7.73 1.67 13.80
CA ILE A 500 -7.79 2.91 14.55
C ILE A 500 -7.38 2.71 16.03
N ASP A 501 -7.78 1.57 16.59
CA ASP A 501 -7.43 1.31 17.99
C ASP A 501 -5.93 1.07 18.13
N TRP A 502 -5.42 0.14 17.32
CA TRP A 502 -4.03 -0.26 17.35
C TRP A 502 -2.93 0.66 16.81
N LEU A 503 -3.31 1.70 16.08
CA LEU A 503 -2.34 2.60 15.46
C LEU A 503 -1.45 3.41 16.42
N ASP A 504 -0.14 3.42 16.17
CA ASP A 504 0.77 4.19 17.01
C ASP A 504 1.29 5.35 16.15
N LYS A 505 2.11 6.23 16.71
CA LYS A 505 2.67 7.35 15.94
C LYS A 505 3.39 6.81 14.70
N LYS A 506 3.42 7.62 13.66
CA LYS A 506 4.00 7.16 12.39
C LYS A 506 5.02 8.14 11.82
N ALA A 507 6.19 7.62 11.46
CA ALA A 507 7.26 8.42 10.88
C ALA A 507 6.65 9.15 9.68
N CYS A 508 6.69 10.48 9.71
CA CYS A 508 6.06 11.26 8.66
C CYS A 508 6.98 12.07 7.79
N ALA A 509 8.27 11.82 7.88
CA ALA A 509 9.24 12.56 7.07
C ALA A 509 10.51 11.72 6.87
N ARG A 510 11.27 12.04 5.83
CA ARG A 510 12.48 11.31 5.51
C ARG A 510 13.54 12.30 5.16
N LYS A 511 14.76 11.80 5.09
CA LYS A 511 15.88 12.63 4.71
C LYS A 511 16.11 12.54 3.21
N ILE A 512 15.70 11.44 2.58
CA ILE A 512 15.93 11.24 1.15
C ILE A 512 14.62 11.11 0.35
N GLY A 513 14.59 11.67 -0.84
CA GLY A 513 13.42 11.57 -1.70
C GLY A 513 12.76 12.88 -2.07
N LEU A 514 11.88 12.84 -3.07
CA LEU A 514 11.17 14.06 -3.48
C LEU A 514 10.02 14.30 -2.49
N GLY A 515 9.72 15.57 -2.23
CA GLY A 515 8.64 15.84 -1.32
C GLY A 515 8.56 17.30 -0.93
N THR A 516 7.69 17.60 0.02
CA THR A 516 7.56 18.97 0.51
C THR A 516 8.35 19.01 1.84
N PRO A 517 9.30 19.95 1.97
CA PRO A 517 10.07 20.05 3.21
C PRO A 517 9.15 20.32 4.41
N LEU A 518 9.44 19.68 5.54
CA LEU A 518 8.66 19.92 6.78
C LEU A 518 8.98 21.42 7.01
N PRO A 519 7.96 22.29 7.01
CA PRO A 519 8.17 23.72 7.19
C PRO A 519 9.00 24.27 8.37
N TRP A 520 9.01 23.58 9.51
CA TRP A 520 9.81 24.05 10.65
C TRP A 520 11.14 23.32 10.72
N ASP A 521 11.41 22.41 9.78
CA ASP A 521 12.67 21.66 9.79
C ASP A 521 12.90 21.15 8.36
N PRO A 522 13.15 22.08 7.43
CA PRO A 522 13.38 21.86 6.01
C PRO A 522 14.33 20.73 5.60
N GLU A 523 15.13 20.23 6.55
CA GLU A 523 16.04 19.14 6.22
C GLU A 523 15.28 17.85 6.00
N TRP A 524 14.05 17.79 6.49
CA TRP A 524 13.23 16.59 6.31
C TRP A 524 12.18 16.89 5.24
N VAL A 525 11.79 15.87 4.47
CA VAL A 525 10.73 16.07 3.47
C VAL A 525 9.59 15.15 3.92
N ILE A 526 8.37 15.66 3.85
CA ILE A 526 7.20 14.93 4.27
C ILE A 526 7.08 13.64 3.42
N GLU A 527 6.86 12.50 4.08
CA GLU A 527 6.81 11.23 3.36
C GLU A 527 5.52 10.93 2.59
N SER A 528 5.59 9.95 1.69
CA SER A 528 4.47 9.66 0.79
C SER A 528 3.10 9.35 1.37
N LEU A 529 3.06 8.64 2.49
CA LEU A 529 1.79 8.32 3.12
C LEU A 529 1.34 9.47 4.01
N SER A 530 2.11 10.55 4.02
CA SER A 530 1.77 11.67 4.88
C SER A 530 1.37 12.95 4.16
N ASP A 531 1.72 13.09 2.87
CA ASP A 531 1.28 14.27 2.12
C ASP A 531 0.06 13.93 1.25
N SER A 532 -0.46 12.72 1.43
CA SER A 532 -1.56 12.22 0.59
C SER A 532 -2.84 11.82 1.33
N THR A 533 -3.15 12.54 2.41
CA THR A 533 -4.32 12.19 3.21
C THR A 533 -5.51 13.15 3.07
N ILE A 534 -5.27 14.38 2.62
CA ILE A 534 -6.36 15.34 2.44
C ILE A 534 -6.25 16.14 1.14
N TYR A 535 -5.42 15.68 0.20
CA TYR A 535 -5.30 16.41 -1.06
C TYR A 535 -6.65 16.51 -1.80
N MET A 536 -7.64 15.73 -1.38
CA MET A 536 -8.96 15.83 -2.05
C MET A 536 -9.51 17.23 -1.88
N ALA A 537 -9.08 17.90 -0.81
CA ALA A 537 -9.53 19.26 -0.52
C ALA A 537 -8.87 20.19 -1.50
N TYR A 538 -7.61 19.88 -1.82
CA TYR A 538 -6.89 20.70 -2.78
C TYR A 538 -7.50 20.61 -4.19
N TYR A 539 -8.04 19.44 -4.56
CA TYR A 539 -8.63 19.29 -5.91
C TYR A 539 -9.69 20.36 -6.14
N THR A 540 -10.49 20.65 -5.13
CA THR A 540 -11.58 21.62 -5.29
C THR A 540 -11.14 23.02 -5.71
N ILE A 541 -9.92 23.41 -5.34
CA ILE A 541 -9.42 24.75 -5.69
C ILE A 541 -8.36 24.71 -6.78
N SER A 542 -8.03 23.49 -7.22
CA SER A 542 -6.99 23.31 -8.21
C SER A 542 -7.24 23.94 -9.58
N ARG A 543 -8.49 23.96 -10.04
CA ARG A 543 -8.79 24.56 -11.34
C ARG A 543 -8.44 26.07 -11.27
N HIS A 544 -8.89 26.73 -10.22
CA HIS A 544 -8.62 28.17 -10.10
C HIS A 544 -7.12 28.46 -9.99
N ILE A 545 -6.42 27.65 -9.18
CA ILE A 545 -4.99 27.80 -9.02
C ILE A 545 -4.28 27.59 -10.35
N ASN A 546 -4.65 26.56 -11.10
CA ASN A 546 -3.99 26.30 -12.39
C ASN A 546 -4.24 27.44 -13.39
N LYS A 547 -5.43 28.00 -13.38
CA LYS A 547 -5.75 29.10 -14.30
C LYS A 547 -4.91 30.33 -13.94
N LEU A 548 -4.81 30.64 -12.64
CA LEU A 548 -4.02 31.79 -12.18
C LEU A 548 -2.57 31.59 -12.58
N ARG A 549 -2.08 30.39 -12.30
CA ARG A 549 -0.72 30.01 -12.60
C ARG A 549 -0.42 30.10 -14.10
N GLN A 550 -1.33 29.63 -14.95
CA GLN A 550 -1.08 29.66 -16.39
C GLN A 550 -1.12 31.11 -16.87
N GLU A 551 -1.86 31.94 -16.15
CA GLU A 551 -1.98 33.36 -16.50
C GLU A 551 -0.78 34.14 -15.97
N GLY A 552 0.11 33.47 -15.25
CA GLY A 552 1.29 34.12 -14.71
C GLY A 552 0.93 35.11 -13.62
N LYS A 553 -0.27 34.95 -13.05
CA LYS A 553 -0.76 35.83 -12.00
C LYS A 553 -0.78 35.18 -10.63
N LEU A 554 0.18 34.31 -10.35
CA LEU A 554 0.20 33.63 -9.07
C LEU A 554 1.58 33.49 -8.44
N ASP A 555 1.68 33.92 -7.19
CA ASP A 555 2.92 33.82 -6.43
C ASP A 555 2.61 32.82 -5.31
N PRO A 556 3.03 31.55 -5.51
CA PRO A 556 2.79 30.49 -4.52
C PRO A 556 3.20 30.87 -3.11
N GLU A 557 4.26 31.67 -3.01
CA GLU A 557 4.77 32.12 -1.72
C GLU A 557 3.70 32.87 -0.90
N LYS A 558 2.72 33.44 -1.58
CA LYS A 558 1.64 34.15 -0.91
C LYS A 558 0.52 33.21 -0.44
N LEU A 559 0.64 31.92 -0.75
CA LEU A 559 -0.35 30.93 -0.33
C LEU A 559 0.01 30.48 1.08
N THR A 560 -0.22 31.37 2.03
CA THR A 560 0.09 31.16 3.44
C THR A 560 -0.97 30.37 4.17
N PRO A 561 -0.66 29.91 5.39
CA PRO A 561 -1.60 29.15 6.20
C PRO A 561 -2.88 29.94 6.43
N GLU A 562 -2.73 31.27 6.46
CA GLU A 562 -3.86 32.17 6.66
C GLU A 562 -4.85 32.07 5.50
N PHE A 563 -4.32 32.10 4.30
CA PHE A 563 -5.10 31.99 3.06
C PHE A 563 -5.91 30.69 3.05
N PHE A 564 -5.25 29.57 3.35
CA PHE A 564 -5.93 28.27 3.35
C PHE A 564 -6.94 28.17 4.46
N ASP A 565 -6.66 28.79 5.60
CA ASP A 565 -7.57 28.80 6.74
C ASP A 565 -8.90 29.42 6.30
N TYR A 566 -8.82 30.47 5.50
CA TYR A 566 -10.04 31.12 5.03
C TYR A 566 -10.81 30.19 4.07
N ILE A 567 -10.11 29.71 3.04
CA ILE A 567 -10.69 28.79 2.08
C ILE A 567 -11.43 27.61 2.74
N PHE A 568 -10.71 26.86 3.58
CA PHE A 568 -11.26 25.64 4.17
C PHE A 568 -11.93 25.65 5.51
N LEU A 569 -11.55 26.57 6.39
CA LEU A 569 -12.12 26.54 7.74
C LEU A 569 -13.02 27.70 8.16
N GLU A 570 -12.91 28.85 7.51
CA GLU A 570 -13.70 30.00 7.95
C GLU A 570 -15.00 30.28 7.27
N GLU A 571 -15.81 31.13 7.91
CA GLU A 571 -17.10 31.53 7.35
C GLU A 571 -16.77 32.48 6.21
N PHE A 572 -17.65 32.59 5.22
CA PHE A 572 -17.39 33.52 4.12
C PHE A 572 -17.27 34.93 4.69
N SER A 573 -16.34 35.71 4.15
CA SER A 573 -16.15 37.08 4.60
C SER A 573 -15.64 37.90 3.44
N GLU A 574 -16.41 38.88 3.01
CA GLU A 574 -15.96 39.69 1.90
C GLU A 574 -14.77 40.54 2.33
N ASP A 575 -14.68 40.82 3.63
CA ASP A 575 -13.56 41.61 4.14
C ASP A 575 -12.28 40.79 4.11
N LYS A 576 -12.37 39.53 4.56
CA LYS A 576 -11.18 38.68 4.56
C LYS A 576 -10.71 38.48 3.12
N GLU A 577 -11.67 38.33 2.20
CA GLU A 577 -11.32 38.17 0.80
C GLU A 577 -10.59 39.41 0.31
N LYS A 578 -11.09 40.57 0.72
CA LYS A 578 -10.45 41.84 0.33
C LYS A 578 -9.04 41.97 0.89
N GLU A 579 -8.86 41.63 2.17
CA GLU A 579 -7.52 41.73 2.72
C GLU A 579 -6.62 40.62 2.14
N LEU A 580 -7.21 39.47 1.81
CA LEU A 580 -6.43 38.38 1.23
C LEU A 580 -6.03 38.81 -0.17
N GLU A 581 -6.90 39.56 -0.84
CA GLU A 581 -6.56 40.05 -2.17
C GLU A 581 -5.29 40.91 -2.16
N LYS A 582 -5.20 41.81 -1.17
CA LYS A 582 -4.03 42.69 -1.06
C LYS A 582 -2.77 41.89 -0.79
N LYS A 583 -2.84 40.98 0.18
CA LYS A 583 -1.68 40.18 0.50
C LYS A 583 -1.25 39.19 -0.58
N THR A 584 -2.21 38.64 -1.34
CA THR A 584 -1.87 37.62 -2.35
C THR A 584 -1.75 38.07 -3.79
N GLY A 585 -2.48 39.11 -4.16
CA GLY A 585 -2.43 39.57 -5.53
C GLY A 585 -3.53 38.83 -6.29
N ILE A 586 -4.32 38.05 -5.55
CA ILE A 586 -5.41 37.31 -6.17
C ILE A 586 -6.73 38.05 -5.94
N PRO A 587 -7.45 38.38 -7.03
CA PRO A 587 -8.72 39.10 -6.90
C PRO A 587 -9.61 38.47 -5.86
N ALA A 588 -10.27 39.32 -5.06
CA ALA A 588 -11.17 38.82 -4.03
C ALA A 588 -12.27 37.91 -4.59
N GLU A 589 -12.72 38.18 -5.81
CA GLU A 589 -13.78 37.37 -6.42
C GLU A 589 -13.28 35.94 -6.68
N ILE A 590 -12.10 35.82 -7.27
CA ILE A 590 -11.47 34.53 -7.55
C ILE A 590 -11.28 33.78 -6.22
N ILE A 591 -10.84 34.49 -5.19
CA ILE A 591 -10.65 33.87 -3.88
C ILE A 591 -11.98 33.36 -3.38
N HIS A 592 -13.02 34.16 -3.64
CA HIS A 592 -14.37 33.81 -3.24
C HIS A 592 -14.84 32.55 -4.01
N GLU A 593 -14.63 32.53 -5.32
CA GLU A 593 -15.02 31.38 -6.14
C GLU A 593 -14.31 30.12 -5.66
N MET A 594 -13.00 30.22 -5.43
CA MET A 594 -12.23 29.10 -4.94
C MET A 594 -12.91 28.53 -3.72
N LYS A 595 -13.30 29.39 -2.78
CA LYS A 595 -13.96 28.91 -1.57
C LYS A 595 -15.33 28.29 -1.88
N GLU A 596 -16.05 28.85 -2.85
CA GLU A 596 -17.34 28.28 -3.23
C GLU A 596 -17.16 26.84 -3.77
N GLU A 597 -16.10 26.62 -4.55
CA GLU A 597 -15.82 25.27 -5.09
C GLU A 597 -15.65 24.28 -3.93
N PHE A 598 -14.84 24.65 -2.93
CA PHE A 598 -14.62 23.78 -1.79
C PHE A 598 -15.89 23.51 -1.00
N GLU A 599 -16.59 24.58 -0.64
CA GLU A 599 -17.83 24.46 0.14
C GLU A 599 -18.90 23.66 -0.61
N TYR A 600 -18.88 23.75 -1.93
CA TYR A 600 -19.87 23.03 -2.73
C TYR A 600 -19.53 21.53 -2.83
N TRP A 601 -18.30 21.21 -3.21
CA TRP A 601 -17.93 19.80 -3.42
C TRP A 601 -17.73 18.94 -2.19
N TYR A 602 -17.21 19.52 -1.11
CA TYR A 602 -17.00 18.75 0.12
C TYR A 602 -18.29 18.72 0.89
N PRO A 603 -18.47 17.72 1.76
CA PRO A 603 -17.52 16.63 2.03
C PRO A 603 -17.41 15.67 0.85
N LEU A 604 -16.27 14.96 0.77
CA LEU A 604 -16.06 13.98 -0.28
C LEU A 604 -17.05 12.85 -0.10
N ASP A 605 -17.80 12.53 -1.14
CA ASP A 605 -18.78 11.45 -1.02
C ASP A 605 -18.14 10.07 -0.98
N TRP A 606 -17.14 9.87 -1.84
CA TRP A 606 -16.50 8.58 -1.86
C TRP A 606 -14.99 8.64 -2.08
N ARG A 607 -14.27 7.85 -1.29
CA ARG A 607 -12.82 7.71 -1.39
C ARG A 607 -12.64 6.25 -1.79
N CYS A 608 -12.04 6.01 -2.95
CA CYS A 608 -11.84 4.64 -3.44
C CYS A 608 -10.36 4.25 -3.51
N SER A 609 -10.05 2.98 -3.26
CA SER A 609 -8.67 2.51 -3.40
C SER A 609 -8.59 1.00 -3.25
N GLY A 610 -7.42 0.43 -3.51
CA GLY A 610 -7.25 -0.99 -3.28
C GLY A 610 -7.37 -1.26 -1.77
N LYS A 611 -7.78 -2.48 -1.40
CA LYS A 611 -7.93 -2.89 0.01
C LYS A 611 -6.58 -2.86 0.78
N ASP A 612 -5.48 -2.86 0.06
CA ASP A 612 -4.18 -2.83 0.69
C ASP A 612 -3.93 -1.48 1.40
N LEU A 613 -4.74 -0.47 1.09
CA LEU A 613 -4.54 0.82 1.75
C LEU A 613 -5.34 0.99 3.07
N ILE A 614 -6.14 -0.01 3.44
CA ILE A 614 -6.92 0.12 4.68
C ILE A 614 -6.06 0.36 5.93
N PRO A 615 -5.00 -0.44 6.15
CA PRO A 615 -4.14 -0.25 7.33
C PRO A 615 -3.37 1.05 7.32
N ASN A 616 -3.21 1.68 6.16
CA ASN A 616 -2.45 2.90 6.13
C ASN A 616 -3.20 4.12 5.54
N HIS A 617 -2.97 4.47 4.26
CA HIS A 617 -3.67 5.63 3.68
C HIS A 617 -5.13 5.87 4.05
N LEU A 618 -5.99 4.87 3.85
CA LEU A 618 -7.43 5.06 4.14
C LEU A 618 -7.71 5.43 5.60
N THR A 619 -6.97 4.84 6.52
CA THR A 619 -7.16 5.20 7.91
C THR A 619 -6.55 6.56 8.18
N PHE A 620 -5.39 6.85 7.58
CA PHE A 620 -4.74 8.14 7.78
C PHE A 620 -5.64 9.24 7.21
N PHE A 621 -6.37 8.93 6.15
CA PHE A 621 -7.30 9.88 5.47
C PHE A 621 -8.38 10.32 6.49
N ILE A 622 -8.92 9.37 7.25
CA ILE A 622 -9.94 9.67 8.27
C ILE A 622 -9.35 10.60 9.37
N PHE A 623 -8.24 10.18 9.97
CA PHE A 623 -7.57 10.97 11.01
C PHE A 623 -7.27 12.39 10.60
N ASN A 624 -6.58 12.55 9.48
CA ASN A 624 -6.23 13.87 9.04
C ASN A 624 -7.46 14.74 8.79
N HIS A 625 -8.55 14.13 8.31
CA HIS A 625 -9.76 14.93 8.09
C HIS A 625 -10.35 15.40 9.42
N VAL A 626 -10.43 14.53 10.42
CA VAL A 626 -11.04 14.97 11.69
C VAL A 626 -10.14 15.93 12.43
N ALA A 627 -8.84 15.82 12.24
CA ALA A 627 -7.92 16.72 12.90
C ALA A 627 -7.97 18.13 12.30
N ILE A 628 -8.38 18.24 11.06
CA ILE A 628 -8.34 19.55 10.42
C ILE A 628 -9.62 20.22 10.00
N PHE A 629 -10.56 19.43 9.47
CA PHE A 629 -11.79 20.02 8.95
C PHE A 629 -12.96 20.03 9.92
N ARG A 630 -13.91 20.94 9.65
CA ARG A 630 -15.15 21.03 10.43
C ARG A 630 -15.85 19.72 10.19
N GLU A 631 -16.66 19.31 11.16
CA GLU A 631 -17.42 18.06 11.12
C GLU A 631 -18.26 17.85 9.86
N GLU A 632 -18.86 18.93 9.36
CA GLU A 632 -19.71 18.84 8.19
C GLU A 632 -18.86 18.45 6.97
N HIS A 633 -17.54 18.49 7.13
CA HIS A 633 -16.62 18.18 6.02
C HIS A 633 -15.87 16.86 6.16
N TRP A 634 -16.28 16.02 7.10
CA TRP A 634 -15.62 14.74 7.29
C TRP A 634 -16.08 13.82 6.16
N PRO A 635 -15.22 12.86 5.75
CA PRO A 635 -15.50 11.90 4.66
C PRO A 635 -16.81 11.18 4.90
N LYS A 636 -17.58 10.93 3.84
CA LYS A 636 -18.85 10.21 3.96
C LYS A 636 -18.74 8.72 3.62
N GLY A 637 -17.74 8.33 2.85
CA GLY A 637 -17.64 6.92 2.49
C GLY A 637 -16.33 6.46 1.89
N ILE A 638 -16.07 5.18 2.08
CA ILE A 638 -14.89 4.55 1.52
C ILE A 638 -15.34 3.27 0.85
N ALA A 639 -14.84 3.04 -0.37
CA ALA A 639 -15.14 1.81 -1.13
C ALA A 639 -13.81 1.21 -1.55
N VAL A 640 -13.54 -0.04 -1.18
CA VAL A 640 -12.26 -0.61 -1.57
C VAL A 640 -12.43 -1.74 -2.54
N ASN A 641 -11.40 -2.06 -3.32
CA ASN A 641 -11.50 -3.19 -4.24
C ASN A 641 -10.33 -4.13 -4.07
N GLY A 642 -10.48 -5.36 -4.56
CA GLY A 642 -9.42 -6.34 -4.49
C GLY A 642 -8.41 -6.22 -5.62
N PHE A 643 -7.54 -7.22 -5.74
CA PHE A 643 -6.47 -7.24 -6.72
C PHE A 643 -6.76 -8.06 -7.94
N GLY A 644 -5.84 -7.97 -8.90
CA GLY A 644 -5.94 -8.76 -10.11
C GLY A 644 -4.67 -9.60 -10.33
N THR A 645 -4.83 -10.84 -10.75
CA THR A 645 -3.72 -11.71 -11.07
C THR A 645 -3.78 -11.87 -12.59
N LEU A 646 -2.75 -12.44 -13.19
CA LEU A 646 -2.71 -12.62 -14.65
C LEU A 646 -2.55 -14.10 -14.98
N GLU A 647 -3.52 -14.67 -15.66
CA GLU A 647 -3.50 -16.08 -16.03
C GLU A 647 -3.20 -16.96 -14.81
N GLY A 648 -3.75 -16.62 -13.65
CA GLY A 648 -3.56 -17.44 -12.48
C GLY A 648 -2.35 -17.17 -11.60
N GLN A 649 -1.56 -16.16 -11.92
CA GLN A 649 -0.37 -15.86 -11.12
C GLN A 649 -0.29 -14.36 -10.77
N LYS A 650 0.35 -14.07 -9.64
CA LYS A 650 0.56 -12.70 -9.23
C LYS A 650 1.40 -12.02 -10.32
N MET A 651 1.11 -10.76 -10.61
CA MET A 651 1.90 -10.08 -11.62
C MET A 651 3.15 -9.59 -10.92
N SER A 652 4.28 -9.95 -11.49
CA SER A 652 5.56 -9.59 -10.91
C SER A 652 6.48 -8.97 -11.95
N LYS A 653 6.94 -7.75 -11.69
CA LYS A 653 7.83 -7.13 -12.65
C LYS A 653 9.16 -7.89 -12.77
N SER A 654 9.69 -8.45 -11.68
CA SER A 654 10.95 -9.18 -11.79
C SER A 654 10.78 -10.46 -12.61
N LYS A 655 9.57 -11.00 -12.63
CA LYS A 655 9.31 -12.21 -13.41
C LYS A 655 8.85 -11.79 -14.82
N GLY A 656 8.48 -10.53 -14.98
CA GLY A 656 8.04 -10.05 -16.27
C GLY A 656 6.58 -10.32 -16.65
N ASN A 657 5.78 -10.93 -15.78
CA ASN A 657 4.41 -11.21 -16.18
C ASN A 657 3.45 -10.10 -15.72
N VAL A 658 3.55 -8.96 -16.40
CA VAL A 658 2.68 -7.85 -16.07
C VAL A 658 2.06 -7.36 -17.34
N LEU A 659 0.75 -7.15 -17.28
CA LEU A 659 0.05 -6.65 -18.43
C LEU A 659 -0.26 -5.16 -18.16
N ASN A 660 0.34 -4.27 -18.95
CA ASN A 660 0.12 -2.84 -18.74
C ASN A 660 -1.29 -2.50 -19.21
N PHE A 661 -1.95 -1.59 -18.51
CA PHE A 661 -3.32 -1.17 -18.83
C PHE A 661 -3.36 -0.67 -20.29
N ILE A 662 -2.41 0.17 -20.68
CA ILE A 662 -2.41 0.72 -22.05
C ILE A 662 -2.31 -0.41 -23.10
N ASP A 663 -1.47 -1.42 -22.83
CA ASP A 663 -1.40 -2.53 -23.78
C ASP A 663 -2.74 -3.28 -23.86
N ALA A 664 -3.41 -3.48 -22.73
CA ALA A 664 -4.69 -4.17 -22.74
C ALA A 664 -5.72 -3.38 -23.57
N ILE A 665 -5.66 -2.05 -23.45
CA ILE A 665 -6.59 -1.19 -24.19
C ILE A 665 -6.28 -1.30 -25.69
N GLU A 666 -5.00 -1.21 -26.07
CA GLU A 666 -4.64 -1.27 -27.49
C GLU A 666 -5.09 -2.59 -28.12
N GLU A 667 -4.86 -3.69 -27.41
CA GLU A 667 -5.20 -5.01 -27.90
C GLU A 667 -6.66 -5.37 -27.93
N ASN A 668 -7.42 -4.95 -26.92
CA ASN A 668 -8.83 -5.35 -26.85
C ASN A 668 -9.86 -4.29 -27.07
N GLY A 669 -9.48 -3.02 -26.90
CA GLY A 669 -10.44 -1.94 -27.01
C GLY A 669 -10.72 -1.51 -25.58
N ALA A 670 -10.89 -0.21 -25.35
CA ALA A 670 -11.12 0.26 -23.98
C ALA A 670 -12.44 -0.23 -23.34
N ASP A 671 -13.54 -0.17 -24.08
CA ASP A 671 -14.81 -0.62 -23.52
C ASP A 671 -14.75 -2.09 -23.11
N VAL A 672 -14.09 -2.89 -23.92
CA VAL A 672 -13.95 -4.33 -23.66
C VAL A 672 -13.14 -4.53 -22.38
N VAL A 673 -12.03 -3.83 -22.23
CA VAL A 673 -11.24 -4.00 -21.02
C VAL A 673 -12.05 -3.65 -19.78
N ARG A 674 -12.73 -2.51 -19.84
CA ARG A 674 -13.52 -2.04 -18.71
C ARG A 674 -14.63 -3.04 -18.30
N LEU A 675 -15.44 -3.49 -19.27
CA LEU A 675 -16.53 -4.40 -18.97
C LEU A 675 -16.01 -5.73 -18.40
N TYR A 676 -14.94 -6.20 -19.00
CA TYR A 676 -14.33 -7.44 -18.59
C TYR A 676 -13.86 -7.34 -17.15
N ILE A 677 -13.02 -6.35 -16.86
CA ILE A 677 -12.56 -6.22 -15.50
C ILE A 677 -13.71 -6.02 -14.50
N MET A 678 -14.68 -5.15 -14.81
CA MET A 678 -15.80 -4.91 -13.90
C MET A 678 -16.67 -6.16 -13.68
N SER A 679 -16.75 -7.02 -14.71
CA SER A 679 -17.59 -8.23 -14.64
C SER A 679 -17.07 -9.34 -13.75
N LEU A 680 -15.77 -9.33 -13.45
CA LEU A 680 -15.15 -10.43 -12.70
C LEU A 680 -15.26 -10.47 -11.20
N ALA A 681 -15.35 -9.32 -10.56
CA ALA A 681 -15.40 -9.30 -9.12
C ALA A 681 -15.85 -7.95 -8.63
N GLU A 682 -16.28 -7.92 -7.38
CA GLU A 682 -16.68 -6.66 -6.76
C GLU A 682 -16.16 -6.62 -5.32
N HIS A 683 -16.09 -5.42 -4.75
CA HIS A 683 -15.63 -5.23 -3.40
C HIS A 683 -14.21 -5.82 -3.24
N ASP A 684 -13.91 -6.42 -2.09
CA ASP A 684 -12.57 -6.93 -1.85
C ASP A 684 -12.19 -8.23 -2.52
N SER A 685 -13.10 -8.83 -3.28
CA SER A 685 -12.73 -10.05 -4.01
C SER A 685 -11.71 -9.66 -5.09
N ASP A 686 -10.82 -10.60 -5.44
CA ASP A 686 -9.82 -10.37 -6.47
C ASP A 686 -10.32 -10.92 -7.79
N PHE A 687 -9.62 -10.59 -8.88
CA PHE A 687 -9.99 -11.14 -10.17
C PHE A 687 -8.75 -11.73 -10.84
N ASP A 688 -8.97 -12.55 -11.86
CA ASP A 688 -7.89 -13.17 -12.58
C ASP A 688 -8.05 -12.89 -14.06
N TRP A 689 -7.11 -12.15 -14.66
CA TRP A 689 -7.21 -11.80 -16.07
C TRP A 689 -6.88 -12.99 -16.96
N ARG A 690 -7.82 -13.38 -17.81
CA ARG A 690 -7.59 -14.50 -18.72
C ARG A 690 -7.87 -14.12 -20.15
N ARG A 691 -6.80 -14.17 -20.93
CA ARG A 691 -6.85 -13.83 -22.35
C ARG A 691 -8.01 -14.52 -23.07
N LYS A 692 -8.23 -15.79 -22.77
CA LYS A 692 -9.33 -16.46 -23.45
C LYS A 692 -10.71 -15.93 -23.07
N GLU A 693 -10.86 -15.45 -21.84
CA GLU A 693 -12.15 -14.93 -21.41
C GLU A 693 -12.39 -13.54 -22.03
N VAL A 694 -11.35 -12.72 -22.09
CA VAL A 694 -11.51 -11.39 -22.63
C VAL A 694 -11.82 -11.48 -24.13
N GLY A 695 -11.21 -12.45 -24.81
CA GLY A 695 -11.48 -12.66 -26.22
C GLY A 695 -12.93 -13.03 -26.44
N LYS A 696 -13.43 -13.91 -25.60
CA LYS A 696 -14.83 -14.32 -25.69
C LYS A 696 -15.77 -13.14 -25.36
N LEU A 697 -15.46 -12.34 -24.35
CA LEU A 697 -16.33 -11.22 -24.03
C LEU A 697 -16.35 -10.23 -25.20
N ARG A 698 -15.19 -9.97 -25.79
CA ARG A 698 -15.11 -9.06 -26.93
C ARG A 698 -16.11 -9.46 -28.03
N LYS A 699 -16.17 -10.75 -28.36
CA LYS A 699 -17.09 -11.21 -29.39
C LYS A 699 -18.53 -10.97 -29.01
N GLN A 700 -18.85 -11.11 -27.73
CA GLN A 700 -20.19 -10.85 -27.29
C GLN A 700 -20.50 -9.33 -27.36
N ILE A 701 -19.52 -8.50 -27.00
CA ILE A 701 -19.70 -7.06 -27.06
C ILE A 701 -19.97 -6.67 -28.52
N GLU A 702 -19.20 -7.23 -29.45
CA GLU A 702 -19.37 -6.97 -30.88
C GLU A 702 -20.78 -7.40 -31.32
N ARG A 703 -21.30 -8.49 -30.77
CA ARG A 703 -22.67 -8.91 -31.10
C ARG A 703 -23.69 -7.93 -30.50
N PHE A 704 -23.46 -7.50 -29.26
CA PHE A 704 -24.30 -6.50 -28.63
C PHE A 704 -24.37 -5.25 -29.55
N TYR A 705 -23.21 -4.84 -30.05
CA TYR A 705 -23.13 -3.63 -30.91
C TYR A 705 -23.94 -3.80 -32.21
N GLU A 706 -23.78 -4.96 -32.87
CA GLU A 706 -24.53 -5.23 -34.10
C GLU A 706 -26.02 -5.34 -33.85
N LEU A 707 -26.43 -6.00 -32.76
CA LEU A 707 -27.85 -6.10 -32.47
C LEU A 707 -28.47 -4.72 -32.26
N ILE A 708 -27.83 -3.86 -31.46
CA ILE A 708 -28.38 -2.54 -31.23
C ILE A 708 -28.49 -1.74 -32.55
N SER A 709 -27.44 -1.81 -33.37
CA SER A 709 -27.40 -1.11 -34.65
C SER A 709 -28.55 -1.59 -35.53
N GLN A 710 -28.78 -2.89 -35.52
CA GLN A 710 -29.86 -3.44 -36.30
C GLN A 710 -31.19 -2.91 -35.76
N PHE A 711 -31.41 -2.98 -34.44
CA PHE A 711 -32.68 -2.50 -33.88
C PHE A 711 -32.92 -1.00 -34.02
N ALA A 712 -31.86 -0.21 -34.01
CA ALA A 712 -31.97 1.24 -34.17
C ALA A 712 -32.62 1.63 -35.52
N GLU A 713 -32.59 0.74 -36.50
CA GLU A 713 -33.18 1.00 -37.81
C GLU A 713 -34.70 0.93 -37.79
N TYR A 714 -35.25 0.19 -36.83
CA TYR A 714 -36.69 0.07 -36.76
C TYR A 714 -37.26 1.44 -36.46
N GLU A 715 -38.50 1.65 -36.88
CA GLU A 715 -39.17 2.91 -36.62
C GLU A 715 -40.48 2.52 -35.97
N VAL A 716 -40.69 2.95 -34.74
CA VAL A 716 -41.92 2.60 -34.03
C VAL A 716 -43.04 3.56 -34.35
N LYS A 717 -44.17 3.02 -34.79
CA LYS A 717 -45.35 3.81 -35.15
C LYS A 717 -46.24 4.10 -33.95
N GLY A 718 -47.54 3.86 -34.13
CA GLY A 718 -48.47 4.08 -33.04
C GLY A 718 -48.39 2.95 -32.05
N ASN A 719 -49.49 2.67 -31.37
CA ASN A 719 -49.52 1.60 -30.38
C ASN A 719 -49.46 0.24 -31.05
N VAL A 720 -48.95 -0.74 -30.33
CA VAL A 720 -48.87 -2.08 -30.89
C VAL A 720 -49.62 -3.05 -30.00
N GLU A 721 -49.91 -4.22 -30.57
CA GLU A 721 -50.61 -5.26 -29.85
C GLU A 721 -49.53 -6.29 -29.44
N LEU A 722 -49.12 -6.22 -28.17
CA LEU A 722 -48.09 -7.09 -27.59
C LEU A 722 -48.50 -8.56 -27.42
N LYS A 723 -47.62 -9.50 -27.76
CA LYS A 723 -47.96 -10.92 -27.53
C LYS A 723 -47.46 -11.30 -26.13
N ASP A 724 -47.73 -12.52 -25.67
CA ASP A 724 -47.26 -12.91 -24.34
C ASP A 724 -45.71 -12.85 -24.22
N ILE A 725 -45.02 -13.31 -25.26
CA ILE A 725 -43.57 -13.32 -25.23
C ILE A 725 -43.01 -11.86 -25.22
N ASP A 726 -43.75 -10.93 -25.82
CA ASP A 726 -43.33 -9.52 -25.85
C ASP A 726 -43.45 -8.92 -24.45
N ARG A 727 -44.57 -9.20 -23.79
CA ARG A 727 -44.77 -8.70 -22.45
C ARG A 727 -43.69 -9.31 -21.53
N TRP A 728 -43.35 -10.57 -21.77
CA TRP A 728 -42.33 -11.22 -20.95
C TRP A 728 -41.01 -10.42 -21.06
N MET A 729 -40.57 -10.16 -22.30
CA MET A 729 -39.33 -9.43 -22.56
C MET A 729 -39.28 -8.04 -21.91
N LEU A 730 -40.38 -7.31 -22.07
CA LEU A 730 -40.49 -5.95 -21.53
C LEU A 730 -40.34 -6.03 -20.02
N HIS A 731 -40.98 -7.00 -19.40
CA HIS A 731 -40.86 -7.14 -17.95
C HIS A 731 -39.41 -7.48 -17.55
N ARG A 732 -38.73 -8.34 -18.32
CA ARG A 732 -37.32 -8.67 -18.00
C ARG A 732 -36.44 -7.40 -18.10
N LEU A 733 -36.76 -6.46 -19.00
CA LEU A 733 -35.94 -5.23 -19.10
C LEU A 733 -36.08 -4.41 -17.80
N ASN A 734 -37.29 -4.30 -17.27
CA ASN A 734 -37.51 -3.53 -16.04
C ASN A 734 -36.80 -4.14 -14.85
N LYS A 735 -36.78 -5.47 -14.83
CA LYS A 735 -36.10 -6.21 -13.79
C LYS A 735 -34.59 -5.86 -13.86
N ALA A 736 -34.03 -5.95 -15.06
CA ALA A 736 -32.62 -5.63 -15.23
C ALA A 736 -32.30 -4.18 -14.85
N ILE A 737 -33.22 -3.24 -15.12
CA ILE A 737 -32.97 -1.84 -14.78
C ILE A 737 -32.86 -1.68 -13.26
N LYS A 738 -33.84 -2.26 -12.57
CA LYS A 738 -33.87 -2.19 -11.13
C LYS A 738 -32.62 -2.81 -10.49
N GLU A 739 -32.32 -4.04 -10.88
CA GLU A 739 -31.18 -4.77 -10.30
C GLU A 739 -29.83 -4.13 -10.64
N THR A 740 -29.70 -3.61 -11.87
CA THR A 740 -28.45 -2.99 -12.26
C THR A 740 -28.25 -1.75 -11.40
N THR A 741 -29.32 -0.96 -11.25
CA THR A 741 -29.24 0.25 -10.42
C THR A 741 -28.99 -0.08 -8.96
N ASN A 742 -29.67 -1.09 -8.41
CA ASN A 742 -29.44 -1.46 -7.01
C ASN A 742 -27.99 -1.91 -6.80
N ALA A 743 -27.48 -2.69 -7.74
CA ALA A 743 -26.09 -3.17 -7.59
C ALA A 743 -25.08 -2.01 -7.65
N LEU A 744 -25.21 -1.09 -8.61
CA LEU A 744 -24.24 0.01 -8.70
C LEU A 744 -24.24 0.94 -7.49
N GLU A 745 -25.41 1.21 -6.89
CA GLU A 745 -25.47 2.06 -5.69
C GLU A 745 -24.55 1.48 -4.62
N GLU A 746 -24.35 0.15 -4.68
CA GLU A 746 -23.49 -0.55 -3.72
C GLU A 746 -22.12 -0.90 -4.28
N PHE A 747 -21.72 -0.29 -5.40
CA PHE A 747 -20.42 -0.56 -6.06
C PHE A 747 -20.23 -2.04 -6.41
N ARG A 748 -21.34 -2.75 -6.62
CA ARG A 748 -21.29 -4.16 -6.99
C ARG A 748 -21.20 -4.25 -8.51
N THR A 749 -19.99 -4.07 -9.02
CA THR A 749 -19.77 -4.05 -10.44
C THR A 749 -20.02 -5.38 -11.11
N ARG A 750 -19.66 -6.46 -10.45
CA ARG A 750 -19.87 -7.78 -11.03
C ARG A 750 -21.37 -8.10 -11.15
N THR A 751 -22.11 -7.89 -10.08
CA THR A 751 -23.54 -8.15 -10.05
C THR A 751 -24.22 -7.22 -11.06
N ALA A 752 -23.77 -5.96 -11.12
CA ALA A 752 -24.36 -5.01 -12.07
C ALA A 752 -24.18 -5.48 -13.53
N VAL A 753 -23.01 -6.04 -13.85
CA VAL A 753 -22.73 -6.50 -15.21
C VAL A 753 -23.52 -7.77 -15.51
N GLN A 754 -23.74 -8.61 -14.49
CA GLN A 754 -24.54 -9.81 -14.70
C GLN A 754 -25.97 -9.39 -15.16
N TRP A 755 -26.48 -8.29 -14.60
CA TRP A 755 -27.80 -7.81 -15.01
C TRP A 755 -27.78 -6.96 -16.27
N ALA A 756 -26.94 -5.93 -16.26
CA ALA A 756 -26.84 -4.98 -17.39
C ALA A 756 -26.40 -5.60 -18.68
N PHE A 757 -25.44 -6.52 -18.62
CA PHE A 757 -25.02 -7.15 -19.84
C PHE A 757 -25.52 -8.60 -20.06
N TYR A 758 -25.08 -9.55 -19.23
CA TYR A 758 -25.44 -10.96 -19.44
C TYR A 758 -26.92 -11.34 -19.44
N SER A 759 -27.66 -10.85 -18.47
CA SER A 759 -29.07 -11.18 -18.36
C SER A 759 -29.87 -10.72 -19.55
N ILE A 760 -29.65 -9.48 -19.98
CA ILE A 760 -30.38 -8.97 -21.14
C ILE A 760 -29.98 -9.73 -22.41
N MET A 761 -28.70 -10.02 -22.57
CA MET A 761 -28.24 -10.74 -23.76
C MET A 761 -28.87 -12.17 -23.74
N ASN A 762 -28.89 -12.80 -22.57
CA ASN A 762 -29.46 -14.13 -22.46
C ASN A 762 -30.98 -14.09 -22.73
N ASP A 763 -31.69 -13.20 -22.07
CA ASP A 763 -33.14 -13.06 -22.30
C ASP A 763 -33.45 -12.75 -23.74
N LEU A 764 -32.67 -11.84 -24.32
CA LEU A 764 -32.85 -11.47 -25.72
C LEU A 764 -32.66 -12.64 -26.66
N ARG A 765 -31.65 -13.45 -26.43
CA ARG A 765 -31.40 -14.59 -27.32
C ARG A 765 -32.59 -15.57 -27.31
N TRP A 766 -33.13 -15.82 -26.13
CA TRP A 766 -34.27 -16.72 -26.03
C TRP A 766 -35.45 -16.04 -26.74
N TYR A 767 -35.64 -14.74 -26.48
CA TYR A 767 -36.70 -13.95 -27.14
C TYR A 767 -36.63 -14.10 -28.66
N LEU A 768 -35.42 -13.99 -29.23
CA LEU A 768 -35.25 -14.12 -30.65
C LEU A 768 -35.51 -15.56 -31.16
N ARG A 769 -35.17 -16.56 -30.37
CA ARG A 769 -35.46 -17.94 -30.76
C ARG A 769 -36.99 -18.15 -30.76
N ARG A 770 -37.67 -17.69 -29.72
CA ARG A 770 -39.11 -17.86 -29.60
C ARG A 770 -39.87 -17.11 -30.68
N THR A 771 -39.27 -16.07 -31.24
CA THR A 771 -39.93 -15.27 -32.25
C THR A 771 -39.27 -15.39 -33.60
N GLU A 772 -38.50 -16.45 -33.79
CA GLU A 772 -37.85 -16.62 -35.08
C GLU A 772 -38.93 -16.71 -36.17
N GLY A 773 -38.66 -16.09 -37.32
CA GLY A 773 -39.62 -16.10 -38.40
C GLY A 773 -40.67 -15.02 -38.28
N ARG A 774 -40.74 -14.36 -37.13
CA ARG A 774 -41.72 -13.31 -36.91
C ARG A 774 -41.11 -11.92 -37.04
N ASP A 775 -41.86 -10.99 -37.62
CA ASP A 775 -41.40 -9.62 -37.79
C ASP A 775 -42.59 -8.71 -38.03
N ASP A 776 -43.07 -8.11 -36.95
CA ASP A 776 -44.20 -7.21 -37.02
C ASP A 776 -43.90 -6.01 -36.13
N GLU A 777 -44.86 -5.11 -36.02
CA GLU A 777 -44.68 -3.90 -35.24
C GLU A 777 -44.48 -4.15 -33.76
N ALA A 778 -45.20 -5.11 -33.22
CA ALA A 778 -45.08 -5.40 -31.79
C ALA A 778 -43.66 -5.84 -31.47
N LYS A 779 -43.10 -6.71 -32.31
CA LYS A 779 -41.73 -7.19 -32.11
C LYS A 779 -40.67 -6.09 -32.28
N ARG A 780 -40.83 -5.24 -33.30
CA ARG A 780 -39.88 -4.16 -33.53
C ARG A 780 -39.94 -3.15 -32.39
N TYR A 781 -41.14 -2.94 -31.86
CA TYR A 781 -41.30 -2.05 -30.73
C TYR A 781 -40.55 -2.63 -29.49
N VAL A 782 -40.64 -3.96 -29.31
CA VAL A 782 -40.00 -4.59 -28.16
C VAL A 782 -38.48 -4.46 -28.31
N LEU A 783 -37.97 -4.80 -29.48
CA LEU A 783 -36.56 -4.74 -29.72
C LEU A 783 -35.99 -3.30 -29.67
N ARG A 784 -36.71 -2.31 -30.20
CA ARG A 784 -36.19 -0.95 -30.16
C ARG A 784 -36.23 -0.44 -28.72
N THR A 785 -37.26 -0.82 -27.99
CA THR A 785 -37.38 -0.42 -26.60
C THR A 785 -36.20 -1.04 -25.81
N LEU A 786 -35.90 -2.30 -26.12
CA LEU A 786 -34.79 -3.02 -25.48
C LEU A 786 -33.47 -2.31 -25.82
N ALA A 787 -33.30 -1.95 -27.10
CA ALA A 787 -32.07 -1.26 -27.49
C ALA A 787 -31.90 0.02 -26.68
N ASP A 788 -32.97 0.81 -26.50
CA ASP A 788 -32.85 2.04 -25.70
C ASP A 788 -32.46 1.71 -24.24
N VAL A 789 -33.15 0.74 -23.64
CA VAL A 789 -32.85 0.38 -22.25
C VAL A 789 -31.42 -0.18 -22.13
N TRP A 790 -31.05 -1.04 -23.07
CA TRP A 790 -29.76 -1.71 -23.01
C TRP A 790 -28.57 -0.76 -23.16
N VAL A 791 -28.67 0.21 -24.08
CA VAL A 791 -27.56 1.12 -24.24
C VAL A 791 -27.41 1.96 -22.96
N ARG A 792 -28.54 2.33 -22.38
CA ARG A 792 -28.51 3.13 -21.16
C ARG A 792 -27.87 2.39 -19.96
N LEU A 793 -28.22 1.13 -19.74
CA LEU A 793 -27.65 0.39 -18.62
C LEU A 793 -26.15 0.09 -18.82
N MET A 794 -25.72 -0.04 -20.07
CA MET A 794 -24.33 -0.34 -20.39
C MET A 794 -23.39 0.88 -20.38
N ALA A 795 -23.94 2.06 -20.57
CA ALA A 795 -23.09 3.28 -20.71
C ALA A 795 -21.99 3.49 -19.68
N PRO A 796 -22.27 3.30 -18.39
CA PRO A 796 -21.21 3.50 -17.39
C PRO A 796 -20.05 2.54 -17.61
N PHE A 797 -20.35 1.38 -18.18
CA PHE A 797 -19.31 0.37 -18.41
C PHE A 797 -18.54 0.51 -19.71
N THR A 798 -19.29 0.67 -20.81
CA THR A 798 -18.75 0.75 -22.17
C THR A 798 -19.22 2.15 -22.72
N PRO A 799 -18.69 3.22 -22.14
CA PRO A 799 -19.11 4.55 -22.59
C PRO A 799 -18.92 4.97 -24.04
N HIS A 800 -17.86 4.50 -24.69
CA HIS A 800 -17.61 4.92 -26.06
C HIS A 800 -18.61 4.33 -27.04
N ILE A 801 -18.71 3.01 -27.09
CA ILE A 801 -19.66 2.43 -28.02
C ILE A 801 -21.09 2.85 -27.62
N CYS A 802 -21.33 3.11 -26.34
CA CYS A 802 -22.68 3.50 -25.97
C CYS A 802 -23.02 4.92 -26.49
N GLU A 803 -22.04 5.81 -26.52
CA GLU A 803 -22.29 7.16 -27.04
C GLU A 803 -22.62 6.98 -28.53
N GLU A 804 -21.81 6.16 -29.22
CA GLU A 804 -22.03 5.91 -30.66
C GLU A 804 -23.41 5.30 -30.96
N LEU A 805 -23.82 4.32 -30.15
CA LEU A 805 -25.10 3.68 -30.33
C LEU A 805 -26.22 4.64 -30.02
N TRP A 806 -26.00 5.55 -29.08
CA TRP A 806 -27.05 6.49 -28.77
C TRP A 806 -27.30 7.39 -29.99
N GLU A 807 -26.26 7.72 -30.74
CA GLU A 807 -26.47 8.52 -31.94
C GLU A 807 -27.28 7.70 -32.95
N LYS A 808 -26.91 6.43 -33.15
CA LYS A 808 -27.66 5.56 -34.06
C LYS A 808 -29.11 5.46 -33.65
N LEU A 809 -29.41 5.55 -32.36
CA LEU A 809 -30.79 5.45 -31.88
C LEU A 809 -31.59 6.75 -31.99
N GLY A 810 -32.88 6.64 -32.33
CA GLY A 810 -33.66 7.86 -32.45
C GLY A 810 -35.14 7.77 -32.75
#